data_1NF5
#
_entry.id   1NF5
#
_cell.length_a   57.223
_cell.length_b   93.898
_cell.length_c   99.968
_cell.angle_alpha   90.00
_cell.angle_beta   101.50
_cell.angle_gamma   90.00
#
_symmetry.space_group_name_H-M   'P 1 21 1'
#
loop_
_entity.id
_entity.type
_entity.pdbx_description
1 polymer Alpha-lactalbumin
2 polymer beta-1,4-galactosyltransferase
3 non-polymer 'CALCIUM ION'
4 non-polymer 'TETRAETHYLENE GLYCOL'
5 non-polymer beta-D-glucopyranose
6 non-polymer 1,2-ETHANEDIOL
7 water water
#
loop_
_entity_poly.entity_id
_entity_poly.type
_entity_poly.pdbx_seq_one_letter_code
_entity_poly.pdbx_strand_id
1 'polypeptide(L)'
;TELTKCKVSHAIKDIDGYQGISLLEWACVLFHTSGYDTQAVVNDNGSTEYGLFQISDRFWCKSSEFPESENICGISCDKL
LDDELDDDIACAKKILAIKGIDYWKAYKPMCSEKLEQWRCEKP
;
A,C
2 'polypeptide(L)'
;ASMTGGQQMGRGSSLTACPEESPLLVGPMLIEFNIPVDLKLVEQQNPKVKLGGRYTPMDCISPHKVAIIIPFRNRQEHLK
YWLYYLHPILQRQQLDYGIYVINQAGESMFNRAKLLNVGFKEALKDYDYNCFVFSDVDLIPMNDHNTYRCFSQPRHISVA
MDKFGFSLPYVQYFGGVSALSKQQFLSINGFPNNYWGWGGEDDDIYNRLAFRGMSVSRPNAVIGKCRMIRHSRDKKNEPN
PQRFDRIAHTKETMLSDGLNSLTYMVLEVQRYPLYTKITVDIGTPS
;
B,D
#
loop_
_chem_comp.id
_chem_comp.type
_chem_comp.name
_chem_comp.formula
BGC D-saccharide, beta linking beta-D-glucopyranose 'C6 H12 O6'
CA non-polymer 'CALCIUM ION' 'Ca 2'
EDO non-polymer 1,2-ETHANEDIOL 'C2 H6 O2'
PG4 non-polymer 'TETRAETHYLENE GLYCOL' 'C8 H18 O5'
#
# COMPACT_ATOMS: atom_id res chain seq x y z
N THR A 1 -24.28 8.32 -14.35
CA THR A 1 -22.85 7.92 -14.18
C THR A 1 -22.24 8.62 -12.97
N GLU A 2 -21.40 7.93 -12.22
CA GLU A 2 -20.72 8.55 -11.07
C GLU A 2 -19.41 9.07 -11.66
N LEU A 3 -19.27 10.38 -11.74
CA LEU A 3 -18.06 10.94 -12.32
C LEU A 3 -16.94 11.12 -11.30
N THR A 4 -15.76 11.46 -11.79
CA THR A 4 -14.63 11.67 -10.89
C THR A 4 -14.58 13.17 -10.66
N LYS A 5 -13.89 13.60 -9.62
CA LYS A 5 -13.75 15.03 -9.34
C LYS A 5 -13.24 15.74 -10.58
N CYS A 6 -12.24 15.12 -11.24
CA CYS A 6 -11.69 15.73 -12.42
C CYS A 6 -12.63 15.73 -13.63
N LYS A 7 -13.42 14.67 -13.83
CA LYS A 7 -14.38 14.66 -14.95
C LYS A 7 -15.31 15.86 -14.73
N VAL A 8 -15.87 15.91 -13.53
CA VAL A 8 -16.76 17.01 -13.14
C VAL A 8 -16.09 18.37 -13.33
N SER A 9 -14.91 18.54 -12.77
CA SER A 9 -14.20 19.81 -12.90
C SER A 9 -13.99 20.24 -14.37
N HIS A 10 -13.57 19.31 -15.23
CA HIS A 10 -13.36 19.65 -16.63
C HIS A 10 -14.68 20.01 -17.28
N ALA A 11 -15.70 19.20 -17.02
CA ALA A 11 -17.00 19.39 -17.61
C ALA A 11 -17.70 20.69 -17.24
N ILE A 12 -17.46 21.24 -16.05
CA ILE A 12 -18.14 22.49 -15.65
C ILE A 12 -17.24 23.69 -15.63
N LYS A 13 -16.09 23.60 -16.29
CA LYS A 13 -15.14 24.70 -16.32
C LYS A 13 -15.79 26.05 -16.65
N ASP A 14 -16.78 26.02 -17.54
CA ASP A 14 -17.48 27.23 -17.94
C ASP A 14 -18.13 27.99 -16.78
N ILE A 15 -18.49 27.29 -15.70
CA ILE A 15 -19.12 27.94 -14.54
C ILE A 15 -18.15 28.60 -13.59
N ASP A 16 -16.87 28.30 -13.75
CA ASP A 16 -15.83 28.83 -12.89
C ASP A 16 -15.82 30.34 -12.80
N GLY A 17 -15.86 30.83 -11.57
CA GLY A 17 -15.88 32.27 -11.34
C GLY A 17 -17.25 32.90 -11.50
N TYR A 18 -18.22 32.16 -12.03
CA TYR A 18 -19.55 32.72 -12.22
C TYR A 18 -20.16 33.05 -10.89
N GLN A 19 -20.62 34.29 -10.75
CA GLN A 19 -21.26 34.72 -9.51
C GLN A 19 -20.29 34.62 -8.37
N GLY A 20 -19.00 34.59 -8.71
CA GLY A 20 -17.95 34.54 -7.72
C GLY A 20 -17.66 33.21 -7.06
N ILE A 21 -18.13 32.11 -7.64
CA ILE A 21 -17.88 30.77 -7.08
C ILE A 21 -16.80 30.10 -7.91
N SER A 22 -15.73 29.65 -7.25
CA SER A 22 -14.62 29.00 -7.98
C SER A 22 -14.92 27.52 -8.31
N LEU A 23 -14.10 26.95 -9.18
CA LEU A 23 -14.26 25.56 -9.58
C LEU A 23 -13.95 24.64 -8.37
N LEU A 24 -13.07 25.09 -7.50
CA LEU A 24 -12.73 24.31 -6.31
C LEU A 24 -13.94 24.21 -5.39
N GLU A 25 -14.64 25.33 -5.23
CA GLU A 25 -15.81 25.34 -4.37
C GLU A 25 -16.87 24.44 -4.98
N TRP A 26 -17.02 24.48 -6.31
CA TRP A 26 -18.02 23.64 -6.99
C TRP A 26 -17.70 22.15 -6.86
N ALA A 27 -16.44 21.80 -7.11
CA ALA A 27 -16.04 20.41 -6.97
C ALA A 27 -16.41 19.94 -5.53
N CYS A 28 -16.18 20.79 -4.53
CA CYS A 28 -16.52 20.45 -3.16
C CYS A 28 -18.04 20.29 -3.05
N VAL A 29 -18.76 21.33 -3.47
CA VAL A 29 -20.22 21.32 -3.42
C VAL A 29 -20.86 20.11 -4.11
N LEU A 30 -20.44 19.83 -5.35
CA LEU A 30 -21.04 18.73 -6.08
C LEU A 30 -20.78 17.39 -5.43
N PHE A 31 -19.60 17.23 -4.83
CA PHE A 31 -19.34 15.94 -4.15
C PHE A 31 -20.34 15.66 -3.03
N HIS A 32 -20.61 16.65 -2.17
CA HIS A 32 -21.53 16.41 -1.07
C HIS A 32 -22.99 16.49 -1.51
N THR A 33 -23.23 17.12 -2.66
CA THR A 33 -24.60 17.25 -3.13
C THR A 33 -25.12 15.98 -3.79
N SER A 34 -24.30 15.39 -4.64
CA SER A 34 -24.74 14.22 -5.40
C SER A 34 -23.71 13.11 -5.50
N GLY A 35 -22.53 13.28 -4.89
CA GLY A 35 -21.50 12.25 -4.99
C GLY A 35 -21.00 12.14 -6.43
N TYR A 36 -21.19 13.23 -7.19
CA TYR A 36 -20.78 13.31 -8.59
C TYR A 36 -21.56 12.34 -9.49
N ASP A 37 -22.74 11.96 -9.03
CA ASP A 37 -23.60 11.04 -9.77
C ASP A 37 -24.60 11.82 -10.66
N THR A 38 -24.40 11.81 -11.98
CA THR A 38 -25.27 12.55 -12.90
C THR A 38 -26.70 12.04 -12.91
N GLN A 39 -26.96 10.91 -12.27
CA GLN A 39 -28.30 10.35 -12.22
C GLN A 39 -28.90 10.40 -10.83
N ALA A 40 -28.28 11.14 -9.93
CA ALA A 40 -28.83 11.22 -8.58
C ALA A 40 -30.27 11.75 -8.57
N VAL A 41 -31.12 11.08 -7.81
CA VAL A 41 -32.51 11.46 -7.67
C VAL A 41 -32.81 11.44 -6.18
N VAL A 42 -33.18 12.57 -5.63
CA VAL A 42 -33.44 12.60 -4.21
C VAL A 42 -34.78 13.22 -3.90
N ASN A 43 -35.43 12.67 -2.88
CA ASN A 43 -36.69 13.23 -2.46
C ASN A 43 -36.37 14.21 -1.33
N ASP A 44 -37.17 15.25 -1.22
CA ASP A 44 -36.99 16.27 -0.21
C ASP A 44 -38.43 16.74 0.02
N ASN A 45 -39.03 16.27 1.11
CA ASN A 45 -40.40 16.60 1.48
C ASN A 45 -41.36 16.87 0.33
N GLY A 46 -41.88 15.92 -0.39
CA GLY A 46 -42.73 16.35 -1.49
C GLY A 46 -42.09 16.92 -2.77
N SER A 47 -40.79 17.24 -2.74
CA SER A 47 -40.11 17.72 -3.97
C SER A 47 -39.03 16.72 -4.37
N THR A 48 -38.57 16.82 -5.61
CA THR A 48 -37.54 15.94 -6.09
C THR A 48 -36.39 16.74 -6.68
N GLU A 49 -35.18 16.35 -6.34
CA GLU A 49 -34.01 17.04 -6.82
C GLU A 49 -33.26 16.10 -7.75
N TYR A 50 -32.83 16.65 -8.87
CA TYR A 50 -32.17 15.89 -9.94
C TYR A 50 -30.74 16.13 -10.34
N GLY A 51 -30.03 15.02 -10.56
CA GLY A 51 -28.69 15.10 -11.10
C GLY A 51 -27.54 15.61 -10.28
N LEU A 52 -26.43 15.85 -10.98
CA LEU A 52 -25.19 16.34 -10.42
C LEU A 52 -25.39 17.53 -9.47
N PHE A 53 -26.19 18.49 -9.93
CA PHE A 53 -26.48 19.73 -9.18
C PHE A 53 -27.68 19.64 -8.23
N GLN A 54 -28.41 18.53 -8.29
CA GLN A 54 -29.59 18.34 -7.47
C GLN A 54 -30.52 19.53 -7.59
N ILE A 55 -30.93 19.76 -8.84
CA ILE A 55 -31.83 20.81 -9.23
C ILE A 55 -33.24 20.35 -8.93
N SER A 56 -33.98 21.18 -8.20
CA SER A 56 -35.34 20.81 -7.77
C SER A 56 -36.50 21.09 -8.73
N ASP A 57 -37.46 20.17 -8.78
CA ASP A 57 -38.63 20.34 -9.62
C ASP A 57 -39.62 21.30 -8.94
N ARG A 58 -39.30 21.71 -7.72
CA ARG A 58 -40.15 22.62 -6.99
C ARG A 58 -40.24 23.97 -7.71
N PHE A 59 -39.14 24.48 -8.24
CA PHE A 59 -39.17 25.78 -8.94
C PHE A 59 -38.42 25.78 -10.26
N TRP A 60 -37.41 24.92 -10.35
CA TRP A 60 -36.50 24.95 -11.46
C TRP A 60 -36.68 24.11 -12.70
N CYS A 61 -37.20 22.89 -12.58
CA CYS A 61 -37.40 22.09 -13.79
C CYS A 61 -38.78 21.45 -13.79
N LYS A 62 -39.22 21.02 -14.98
CA LYS A 62 -40.52 20.40 -15.13
C LYS A 62 -40.44 18.89 -15.04
N SER A 63 -41.15 18.31 -14.07
CA SER A 63 -41.21 16.86 -13.88
C SER A 63 -42.64 16.40 -14.17
N SER A 64 -42.86 15.09 -14.25
CA SER A 64 -44.21 14.60 -14.51
C SER A 64 -45.04 14.59 -13.23
N GLU A 65 -44.37 14.46 -12.09
CA GLU A 65 -45.06 14.45 -10.81
C GLU A 65 -45.46 15.86 -10.38
N PHE A 66 -44.89 16.87 -11.03
CA PHE A 66 -45.21 18.26 -10.74
C PHE A 66 -45.06 19.05 -12.04
N PRO A 67 -46.01 18.85 -12.97
CA PRO A 67 -46.03 19.51 -14.28
C PRO A 67 -46.35 21.00 -14.20
N GLU A 68 -46.87 21.45 -13.06
CA GLU A 68 -47.21 22.87 -12.91
C GLU A 68 -46.09 23.67 -12.28
N SER A 69 -44.91 23.05 -12.12
CA SER A 69 -43.74 23.75 -11.56
C SER A 69 -43.48 25.03 -12.36
N GLU A 70 -42.90 26.05 -11.72
CA GLU A 70 -42.60 27.28 -12.42
C GLU A 70 -41.63 27.00 -13.57
N ASN A 71 -40.82 25.96 -13.44
CA ASN A 71 -39.85 25.59 -14.49
C ASN A 71 -39.00 26.78 -14.93
N ILE A 72 -38.47 27.51 -13.96
CA ILE A 72 -37.63 28.66 -14.23
C ILE A 72 -36.52 28.34 -15.21
N CYS A 73 -35.98 27.13 -15.15
CA CYS A 73 -34.93 26.81 -16.10
C CYS A 73 -35.45 26.47 -17.49
N GLY A 74 -36.76 26.23 -17.60
CA GLY A 74 -37.38 25.91 -18.88
C GLY A 74 -36.83 24.62 -19.44
N ILE A 75 -36.80 23.62 -18.58
CA ILE A 75 -36.25 22.36 -19.02
C ILE A 75 -36.93 21.20 -18.31
N SER A 76 -36.96 20.06 -18.97
CA SER A 76 -37.55 18.89 -18.32
C SER A 76 -36.51 18.39 -17.33
N CYS A 77 -36.94 17.96 -16.16
CA CYS A 77 -35.98 17.48 -15.18
C CYS A 77 -35.20 16.26 -15.68
N ASP A 78 -35.81 15.42 -16.53
CA ASP A 78 -35.09 14.23 -17.04
C ASP A 78 -33.82 14.61 -17.78
N LYS A 79 -33.76 15.81 -18.33
CA LYS A 79 -32.56 16.25 -19.03
C LYS A 79 -31.40 16.46 -18.06
N LEU A 80 -31.72 16.43 -16.75
CA LEU A 80 -30.71 16.62 -15.69
C LEU A 80 -30.20 15.28 -15.13
N LEU A 81 -30.57 14.19 -15.81
CA LEU A 81 -30.16 12.87 -15.35
C LEU A 81 -29.31 12.15 -16.39
N ASP A 82 -28.63 12.90 -17.25
CA ASP A 82 -27.78 12.28 -18.23
C ASP A 82 -26.37 12.84 -18.07
N ASP A 83 -25.46 12.39 -18.93
CA ASP A 83 -24.06 12.80 -18.86
C ASP A 83 -23.72 14.05 -19.63
N GLU A 84 -24.72 14.74 -20.17
CA GLU A 84 -24.51 15.97 -20.92
C GLU A 84 -24.86 17.12 -19.96
N LEU A 85 -23.81 17.76 -19.44
CA LEU A 85 -23.94 18.80 -18.44
C LEU A 85 -24.19 20.23 -18.92
N ASP A 86 -24.18 20.49 -20.22
CA ASP A 86 -24.41 21.86 -20.66
C ASP A 86 -25.73 22.41 -20.14
N ASP A 87 -26.82 21.66 -20.27
CA ASP A 87 -28.07 22.21 -19.77
C ASP A 87 -28.11 22.27 -18.23
N ASP A 88 -27.47 21.31 -17.54
CA ASP A 88 -27.45 21.32 -16.06
C ASP A 88 -26.77 22.62 -15.64
N ILE A 89 -25.63 22.88 -16.25
CA ILE A 89 -24.88 24.09 -15.98
C ILE A 89 -25.69 25.37 -16.26
N ALA A 90 -26.37 25.43 -17.39
CA ALA A 90 -27.16 26.65 -17.69
C ALA A 90 -28.22 26.86 -16.61
N CYS A 91 -28.77 25.78 -16.09
CA CYS A 91 -29.79 25.91 -15.05
C CYS A 91 -29.14 26.34 -13.75
N ALA A 92 -27.99 25.76 -13.43
CA ALA A 92 -27.31 26.09 -12.19
C ALA A 92 -26.97 27.57 -12.22
N LYS A 93 -26.61 28.08 -13.39
CA LYS A 93 -26.29 29.48 -13.49
C LYS A 93 -27.51 30.37 -13.17
N LYS A 94 -28.70 29.99 -13.63
CA LYS A 94 -29.91 30.75 -13.32
C LYS A 94 -30.18 30.70 -11.80
N ILE A 95 -30.00 29.52 -11.20
CA ILE A 95 -30.19 29.39 -9.75
C ILE A 95 -29.21 30.34 -9.02
N LEU A 96 -27.96 30.35 -9.45
CA LEU A 96 -26.94 31.22 -8.86
C LEU A 96 -27.26 32.71 -9.04
N ALA A 97 -27.78 33.09 -10.21
CA ALA A 97 -28.06 34.49 -10.41
C ALA A 97 -29.33 34.95 -9.73
N ILE A 98 -30.28 34.04 -9.57
CA ILE A 98 -31.54 34.37 -8.96
C ILE A 98 -31.54 34.17 -7.44
N LYS A 99 -31.27 32.94 -7.02
CA LYS A 99 -31.28 32.59 -5.62
C LYS A 99 -29.93 32.68 -4.95
N GLY A 100 -28.87 32.29 -5.66
CA GLY A 100 -27.56 32.37 -5.03
C GLY A 100 -27.03 31.01 -4.62
N ILE A 101 -25.77 30.99 -4.19
CA ILE A 101 -25.07 29.77 -3.81
C ILE A 101 -25.74 29.03 -2.67
N ASP A 102 -26.48 29.75 -1.84
CA ASP A 102 -27.09 29.07 -0.72
C ASP A 102 -28.22 28.09 -1.06
N TYR A 103 -28.54 27.99 -2.35
CA TYR A 103 -29.51 26.98 -2.82
C TYR A 103 -28.82 25.64 -2.44
N TRP A 104 -27.50 25.57 -2.64
CA TRP A 104 -26.73 24.37 -2.30
C TRP A 104 -26.34 24.42 -0.82
N LYS A 105 -27.13 23.73 0.01
CA LYS A 105 -26.90 23.73 1.44
C LYS A 105 -25.54 23.20 1.90
N ALA A 106 -24.85 22.43 1.06
CA ALA A 106 -23.53 21.92 1.45
C ALA A 106 -22.44 22.95 1.42
N TYR A 107 -22.62 24.02 0.65
CA TYR A 107 -21.58 25.03 0.51
C TYR A 107 -20.99 25.56 1.81
N LYS A 108 -21.82 26.11 2.68
CA LYS A 108 -21.33 26.66 3.94
C LYS A 108 -20.63 25.69 4.86
N PRO A 109 -21.32 24.60 5.24
CA PRO A 109 -20.66 23.66 6.14
C PRO A 109 -19.50 22.80 5.63
N MET A 110 -19.54 22.40 4.37
CA MET A 110 -18.50 21.54 3.83
C MET A 110 -17.42 22.19 2.97
N CYS A 111 -17.68 23.39 2.47
CA CYS A 111 -16.76 24.03 1.56
C CYS A 111 -16.32 25.44 1.92
N SER A 112 -16.17 25.71 3.21
CA SER A 112 -15.75 27.02 3.66
C SER A 112 -14.26 27.08 3.98
N GLU A 113 -13.56 25.94 3.94
CA GLU A 113 -12.14 25.87 4.24
C GLU A 113 -11.58 24.65 3.51
N LYS A 114 -10.26 24.50 3.55
CA LYS A 114 -9.62 23.36 2.89
C LYS A 114 -10.13 23.18 1.44
N LEU A 115 -9.99 24.22 0.62
CA LEU A 115 -10.45 24.13 -0.76
C LEU A 115 -9.42 23.52 -1.72
N GLU A 116 -8.14 23.72 -1.41
CA GLU A 116 -7.06 23.19 -2.25
C GLU A 116 -7.25 21.71 -2.64
N GLN A 117 -7.71 20.88 -1.70
CA GLN A 117 -7.92 19.45 -1.94
C GLN A 117 -8.84 19.19 -3.12
N TRP A 118 -9.70 20.17 -3.42
CA TRP A 118 -10.65 20.05 -4.52
C TRP A 118 -10.11 20.40 -5.90
N ARG A 119 -8.84 20.76 -5.97
CA ARG A 119 -8.26 21.12 -7.25
C ARG A 119 -8.06 19.90 -8.14
N CYS A 120 -8.34 20.03 -9.43
CA CYS A 120 -8.09 18.92 -10.34
C CYS A 120 -6.83 19.40 -11.04
N GLU A 121 -5.83 18.52 -11.11
CA GLU A 121 -4.54 18.86 -11.70
C GLU A 121 -4.40 18.12 -13.03
N LYS A 122 -5.42 17.36 -13.38
CA LYS A 122 -5.40 16.58 -14.60
C LYS A 122 -5.79 17.44 -15.82
N PRO A 123 -4.89 17.54 -16.82
CA PRO A 123 -5.21 18.34 -18.02
C PRO A 123 -6.44 17.77 -18.71
N LEU B 15 2.58 -13.86 32.00
CA LEU B 15 2.75 -13.56 30.55
C LEU B 15 3.28 -12.14 30.33
N THR B 16 3.92 -11.94 29.18
CA THR B 16 4.50 -10.65 28.82
C THR B 16 3.65 -9.87 27.80
N ALA B 17 3.84 -8.56 27.78
CA ALA B 17 3.11 -7.69 26.85
C ALA B 17 3.37 -8.09 25.41
N CYS B 18 2.33 -7.96 24.58
CA CYS B 18 2.41 -8.27 23.15
C CYS B 18 3.28 -7.21 22.48
N PRO B 19 4.02 -7.59 21.44
CA PRO B 19 4.88 -6.61 20.77
C PRO B 19 4.09 -5.46 20.18
N GLU B 20 4.71 -4.28 20.12
CA GLU B 20 4.08 -3.10 19.55
C GLU B 20 3.46 -3.49 18.21
N GLU B 21 4.15 -4.32 17.44
CA GLU B 21 3.59 -4.81 16.19
C GLU B 21 3.58 -6.32 16.27
N SER B 22 2.49 -6.94 15.81
CA SER B 22 2.36 -8.39 15.87
C SER B 22 3.22 -9.10 14.86
N PRO B 23 3.81 -10.26 15.23
CA PRO B 23 4.65 -11.01 14.29
C PRO B 23 3.78 -11.84 13.35
N LEU B 24 2.50 -11.90 13.65
CA LEU B 24 1.53 -12.68 12.90
C LEU B 24 1.02 -12.01 11.63
N LEU B 25 1.19 -10.70 11.53
CA LEU B 25 0.71 -9.97 10.36
C LEU B 25 1.14 -10.54 9.02
N VAL B 26 0.21 -10.47 8.08
CA VAL B 26 0.43 -10.97 6.74
C VAL B 26 0.54 -9.87 5.67
N GLY B 27 0.14 -8.65 6.02
CA GLY B 27 0.18 -7.57 5.05
C GLY B 27 -1.04 -7.61 4.15
N PRO B 28 -0.90 -7.33 2.86
CA PRO B 28 -2.03 -7.34 1.91
C PRO B 28 -2.76 -8.68 1.80
N MET B 29 -4.08 -8.62 1.65
CA MET B 29 -4.89 -9.82 1.55
C MET B 29 -5.84 -9.70 0.39
N LEU B 30 -6.21 -10.84 -0.16
CA LEU B 30 -7.15 -10.88 -1.26
C LEU B 30 -8.52 -10.93 -0.58
N ILE B 31 -9.35 -9.94 -0.84
CA ILE B 31 -10.67 -9.90 -0.24
C ILE B 31 -11.73 -10.10 -1.30
N GLU B 32 -12.44 -11.21 -1.24
CA GLU B 32 -13.49 -11.48 -2.23
C GLU B 32 -14.83 -11.91 -1.63
N PHE B 33 -15.91 -11.50 -2.28
CA PHE B 33 -17.25 -11.83 -1.80
C PHE B 33 -18.03 -12.72 -2.77
N ASN B 34 -17.47 -13.88 -3.09
CA ASN B 34 -18.14 -14.82 -3.98
C ASN B 34 -18.52 -16.06 -3.19
N ILE B 35 -17.51 -16.89 -2.92
CA ILE B 35 -17.67 -18.13 -2.16
C ILE B 35 -18.55 -17.88 -0.96
N PRO B 36 -19.82 -18.33 -1.01
CA PRO B 36 -20.67 -18.09 0.17
C PRO B 36 -19.92 -18.58 1.40
N VAL B 37 -20.24 -18.03 2.56
CA VAL B 37 -19.58 -18.46 3.78
C VAL B 37 -20.62 -19.10 4.67
N ASP B 38 -20.15 -19.99 5.53
CA ASP B 38 -20.98 -20.73 6.47
C ASP B 38 -20.49 -20.35 7.86
N LEU B 39 -21.27 -19.56 8.59
CA LEU B 39 -20.87 -19.15 9.93
C LEU B 39 -20.37 -20.33 10.74
N LYS B 40 -20.96 -21.50 10.50
CA LYS B 40 -20.53 -22.69 11.21
C LYS B 40 -19.08 -22.97 10.87
N LEU B 41 -18.72 -22.81 9.60
CA LEU B 41 -17.33 -23.01 9.19
C LEU B 41 -16.43 -21.96 9.84
N VAL B 42 -16.89 -20.71 9.83
CA VAL B 42 -16.14 -19.61 10.41
C VAL B 42 -15.83 -19.90 11.86
N GLU B 43 -16.77 -20.53 12.58
CA GLU B 43 -16.59 -20.87 13.98
C GLU B 43 -15.57 -21.98 14.02
N GLN B 44 -15.71 -22.89 13.06
CA GLN B 44 -14.82 -24.03 12.94
C GLN B 44 -13.40 -23.49 12.84
N GLN B 45 -13.17 -22.56 11.91
CA GLN B 45 -11.85 -21.97 11.71
C GLN B 45 -11.36 -21.02 12.79
N ASN B 46 -12.27 -20.58 13.67
CA ASN B 46 -11.89 -19.65 14.74
C ASN B 46 -12.21 -20.17 16.11
N PRO B 47 -11.65 -21.34 16.46
CA PRO B 47 -11.84 -22.02 17.76
C PRO B 47 -11.45 -21.24 19.01
N LYS B 48 -10.59 -20.23 18.86
CA LYS B 48 -10.18 -19.41 20.00
C LYS B 48 -11.22 -18.34 20.39
N VAL B 49 -12.16 -18.06 19.49
CA VAL B 49 -13.19 -17.08 19.78
C VAL B 49 -14.28 -17.70 20.66
N LYS B 50 -14.51 -17.08 21.82
CA LYS B 50 -15.50 -17.54 22.79
C LYS B 50 -16.90 -16.92 22.61
N LEU B 51 -17.89 -17.58 23.22
CA LEU B 51 -19.29 -17.17 23.13
C LEU B 51 -19.46 -15.66 23.23
N GLY B 52 -20.19 -15.10 22.28
CA GLY B 52 -20.40 -13.66 22.26
C GLY B 52 -19.35 -12.96 21.40
N GLY B 53 -18.46 -13.71 20.76
CA GLY B 53 -17.45 -13.12 19.90
C GLY B 53 -16.32 -12.40 20.62
N ARG B 54 -15.80 -13.04 21.66
CA ARG B 54 -14.74 -12.48 22.45
C ARG B 54 -13.47 -13.28 22.24
N TYR B 55 -12.34 -12.57 22.23
CA TYR B 55 -11.06 -13.22 22.04
C TYR B 55 -10.04 -12.46 22.82
N THR B 56 -9.12 -13.18 23.47
CA THR B 56 -8.05 -12.54 24.24
C THR B 56 -6.83 -13.39 23.96
N PRO B 57 -5.67 -12.77 23.64
CA PRO B 57 -4.49 -13.61 23.35
C PRO B 57 -4.09 -14.50 24.53
N MET B 58 -3.57 -15.70 24.26
CA MET B 58 -3.11 -16.59 25.33
C MET B 58 -1.60 -16.44 25.46
N ASP B 59 -0.96 -16.05 24.37
CA ASP B 59 0.49 -15.89 24.29
C ASP B 59 1.04 -14.66 24.98
N CYS B 60 0.31 -13.55 24.92
CA CYS B 60 0.77 -12.29 25.51
C CYS B 60 -0.37 -11.42 26.04
N ILE B 61 -0.02 -10.34 26.73
CA ILE B 61 -1.05 -9.45 27.24
C ILE B 61 -1.17 -8.23 26.34
N SER B 62 -2.37 -7.98 25.81
CA SER B 62 -2.60 -6.85 24.94
C SER B 62 -3.14 -5.66 25.70
N PRO B 63 -2.59 -4.47 25.43
CA PRO B 63 -3.02 -3.24 26.11
C PRO B 63 -4.26 -2.68 25.44
N HIS B 64 -4.64 -3.31 24.33
CA HIS B 64 -5.80 -2.92 23.52
C HIS B 64 -7.02 -3.76 23.81
N LYS B 65 -7.93 -3.22 24.62
CA LYS B 65 -9.18 -3.89 24.95
C LYS B 65 -10.18 -3.16 24.05
N VAL B 66 -10.46 -3.79 22.93
CA VAL B 66 -11.31 -3.25 21.89
C VAL B 66 -12.71 -3.82 21.73
N ALA B 67 -13.70 -2.93 21.77
CA ALA B 67 -15.09 -3.31 21.51
C ALA B 67 -15.31 -2.85 20.05
N ILE B 68 -15.66 -3.77 19.15
CA ILE B 68 -15.89 -3.43 17.76
C ILE B 68 -17.41 -3.33 17.61
N ILE B 69 -17.87 -2.12 17.32
CA ILE B 69 -19.29 -1.80 17.21
C ILE B 69 -19.78 -1.67 15.76
N ILE B 70 -20.74 -2.51 15.39
CA ILE B 70 -21.30 -2.52 14.06
C ILE B 70 -22.79 -2.12 14.01
N PRO B 71 -23.10 -0.97 13.41
CA PRO B 71 -24.49 -0.54 13.33
C PRO B 71 -25.13 -1.50 12.33
N PHE B 72 -26.37 -1.91 12.56
CA PHE B 72 -26.97 -2.94 11.70
C PHE B 72 -28.49 -2.96 11.59
N ARG B 73 -28.95 -3.41 10.44
CA ARG B 73 -30.36 -3.62 10.14
C ARG B 73 -30.47 -4.47 8.89
N ASN B 74 -30.92 -5.71 9.05
CA ASN B 74 -31.15 -6.62 7.94
C ASN B 74 -30.03 -6.73 6.88
N ARG B 75 -28.82 -7.05 7.33
CA ARG B 75 -27.69 -7.21 6.44
C ARG B 75 -26.90 -8.44 6.90
N GLN B 76 -27.62 -9.48 7.27
CA GLN B 76 -26.96 -10.69 7.75
C GLN B 76 -25.96 -11.24 6.75
N GLU B 77 -26.21 -11.08 5.46
CA GLU B 77 -25.28 -11.57 4.45
C GLU B 77 -23.95 -10.80 4.48
N HIS B 78 -24.02 -9.50 4.70
CA HIS B 78 -22.81 -8.69 4.82
C HIS B 78 -22.07 -9.09 6.10
N LEU B 79 -22.83 -9.34 7.16
CA LEU B 79 -22.21 -9.72 8.44
C LEU B 79 -21.40 -11.01 8.33
N LYS B 80 -21.91 -11.98 7.59
CA LYS B 80 -21.18 -13.24 7.47
C LYS B 80 -19.80 -12.98 6.88
N TYR B 81 -19.72 -12.14 5.84
CA TYR B 81 -18.42 -11.85 5.24
C TYR B 81 -17.54 -11.05 6.21
N TRP B 82 -18.15 -10.11 6.92
CA TRP B 82 -17.41 -9.30 7.86
C TRP B 82 -16.76 -10.23 8.89
N LEU B 83 -17.55 -11.14 9.46
CA LEU B 83 -17.06 -12.07 10.46
C LEU B 83 -16.01 -13.00 9.88
N TYR B 84 -16.30 -13.52 8.71
CA TYR B 84 -15.40 -14.42 8.02
C TYR B 84 -14.02 -13.80 7.86
N TYR B 85 -13.98 -12.54 7.43
CA TYR B 85 -12.68 -11.91 7.23
C TYR B 85 -12.05 -11.27 8.49
N LEU B 86 -12.83 -10.55 9.28
CA LEU B 86 -12.25 -9.88 10.44
C LEU B 86 -11.79 -10.73 11.60
N HIS B 87 -12.48 -11.82 11.94
CA HIS B 87 -12.00 -12.59 13.10
C HIS B 87 -10.54 -13.02 12.98
N PRO B 88 -10.16 -13.57 11.83
CA PRO B 88 -8.75 -13.97 11.72
C PRO B 88 -7.82 -12.76 11.76
N ILE B 89 -8.25 -11.65 11.15
CA ILE B 89 -7.42 -10.45 11.13
C ILE B 89 -7.19 -9.90 12.52
N LEU B 90 -8.27 -9.75 13.27
CA LEU B 90 -8.18 -9.21 14.62
C LEU B 90 -7.34 -10.06 15.55
N GLN B 91 -7.41 -11.38 15.39
CA GLN B 91 -6.61 -12.27 16.23
C GLN B 91 -5.14 -12.07 15.84
N ARG B 92 -4.87 -11.97 14.55
CA ARG B 92 -3.50 -11.73 14.08
C ARG B 92 -2.98 -10.43 14.69
N GLN B 93 -3.84 -9.41 14.76
CA GLN B 93 -3.43 -8.14 15.32
C GLN B 93 -3.29 -8.22 16.83
N GLN B 94 -3.51 -9.42 17.38
CA GLN B 94 -3.33 -9.65 18.82
C GLN B 94 -4.11 -8.73 19.75
N LEU B 95 -5.38 -8.53 19.44
CA LEU B 95 -6.22 -7.65 20.25
C LEU B 95 -7.12 -8.42 21.22
N ASP B 96 -7.42 -7.80 22.35
CA ASP B 96 -8.33 -8.36 23.36
C ASP B 96 -9.63 -7.67 22.95
N TYR B 97 -10.45 -8.36 22.18
CA TYR B 97 -11.66 -7.77 21.62
C TYR B 97 -12.96 -8.54 21.71
N GLY B 98 -14.03 -7.80 21.44
CA GLY B 98 -15.39 -8.35 21.45
C GLY B 98 -16.15 -7.72 20.31
N ILE B 99 -16.99 -8.52 19.64
CA ILE B 99 -17.81 -8.03 18.53
C ILE B 99 -19.26 -7.72 18.94
N TYR B 100 -19.74 -6.50 18.65
CA TYR B 100 -21.10 -6.12 18.98
C TYR B 100 -21.84 -5.59 17.79
N VAL B 101 -22.92 -6.27 17.41
CA VAL B 101 -23.74 -5.87 16.29
C VAL B 101 -24.96 -5.20 16.90
N ILE B 102 -25.15 -3.92 16.64
CA ILE B 102 -26.29 -3.18 17.18
C ILE B 102 -27.39 -3.10 16.10
N ASN B 103 -28.38 -3.96 16.29
CA ASN B 103 -29.51 -4.12 15.39
C ASN B 103 -30.63 -3.14 15.65
N GLN B 104 -30.93 -2.29 14.66
CA GLN B 104 -31.99 -1.32 14.86
C GLN B 104 -33.35 -1.93 14.57
N ALA B 105 -34.16 -2.09 15.61
CA ALA B 105 -35.48 -2.64 15.43
C ALA B 105 -36.36 -1.62 14.72
N GLY B 106 -37.45 -2.08 14.14
CA GLY B 106 -38.35 -1.14 13.50
C GLY B 106 -38.08 -0.74 12.07
N GLU B 107 -38.90 0.19 11.59
CA GLU B 107 -38.79 0.65 10.21
C GLU B 107 -38.50 2.15 10.03
N SER B 108 -38.12 2.85 11.10
CA SER B 108 -37.76 4.27 10.96
C SER B 108 -36.47 4.33 10.14
N MET B 109 -36.07 5.54 9.73
CA MET B 109 -34.85 5.71 8.95
C MET B 109 -33.67 5.26 9.81
N PHE B 110 -32.67 4.70 9.18
CA PHE B 110 -31.49 4.22 9.88
C PHE B 110 -30.79 5.36 10.60
N ASN B 111 -30.41 5.09 11.86
CA ASN B 111 -29.67 6.05 12.68
C ASN B 111 -28.32 5.44 13.11
N ARG B 112 -27.35 5.46 12.19
CA ARG B 112 -26.01 4.95 12.44
C ARG B 112 -25.34 5.47 13.72
N ALA B 113 -25.21 6.77 13.85
CA ALA B 113 -24.52 7.31 15.02
C ALA B 113 -25.15 6.93 16.36
N LYS B 114 -26.47 6.89 16.42
CA LYS B 114 -27.13 6.55 17.66
C LYS B 114 -26.88 5.07 17.97
N LEU B 115 -26.86 4.21 16.94
CA LEU B 115 -26.61 2.79 17.20
C LEU B 115 -25.21 2.61 17.74
N LEU B 116 -24.27 3.42 17.23
CA LEU B 116 -22.90 3.35 17.69
C LEU B 116 -22.84 3.77 19.15
N ASN B 117 -23.62 4.79 19.54
CA ASN B 117 -23.65 5.23 20.94
C ASN B 117 -24.13 4.07 21.84
N VAL B 118 -25.15 3.36 21.37
CA VAL B 118 -25.69 2.20 22.10
C VAL B 118 -24.61 1.13 22.25
N GLY B 119 -23.85 0.87 21.18
CA GLY B 119 -22.78 -0.11 21.24
C GLY B 119 -21.76 0.21 22.32
N PHE B 120 -21.39 1.47 22.43
CA PHE B 120 -20.45 1.95 23.45
C PHE B 120 -21.00 1.63 24.87
N LYS B 121 -22.21 2.08 25.17
CA LYS B 121 -22.78 1.83 26.49
C LYS B 121 -22.96 0.35 26.79
N GLU B 122 -23.49 -0.39 25.83
CA GLU B 122 -23.73 -1.80 26.04
C GLU B 122 -22.44 -2.61 26.20
N ALA B 123 -21.43 -2.31 25.37
CA ALA B 123 -20.17 -3.04 25.45
C ALA B 123 -19.53 -2.86 26.81
N LEU B 124 -19.57 -1.64 27.32
CA LEU B 124 -19.00 -1.34 28.63
C LEU B 124 -19.60 -2.18 29.77
N LYS B 125 -20.80 -2.72 29.58
CA LYS B 125 -21.41 -3.56 30.61
C LYS B 125 -20.70 -4.93 30.67
N ASP B 126 -20.05 -5.33 29.58
CA ASP B 126 -19.38 -6.62 29.52
C ASP B 126 -17.95 -6.69 30.04
N TYR B 127 -17.17 -5.66 29.74
CA TYR B 127 -15.74 -5.67 30.03
C TYR B 127 -15.23 -4.24 30.09
N ASP B 128 -14.09 -4.03 30.72
CA ASP B 128 -13.58 -2.67 30.81
C ASP B 128 -12.79 -2.28 29.56
N TYR B 129 -13.48 -2.18 28.43
CA TYR B 129 -12.84 -1.78 27.18
C TYR B 129 -12.24 -0.39 27.28
N ASN B 130 -11.13 -0.15 26.59
CA ASN B 130 -10.52 1.17 26.59
C ASN B 130 -10.47 1.68 25.16
N CYS B 131 -11.00 0.89 24.23
CA CYS B 131 -10.97 1.30 22.86
C CYS B 131 -12.21 0.84 22.10
N PHE B 132 -12.76 1.72 21.29
CA PHE B 132 -13.95 1.41 20.52
C PHE B 132 -13.74 1.64 19.04
N VAL B 133 -13.92 0.58 18.27
CA VAL B 133 -13.82 0.66 16.85
C VAL B 133 -15.25 0.65 16.32
N PHE B 134 -15.58 1.64 15.50
CA PHE B 134 -16.91 1.76 14.90
C PHE B 134 -16.78 1.42 13.43
N SER B 135 -17.45 0.35 13.03
CA SER B 135 -17.36 -0.12 11.67
C SER B 135 -18.65 -0.47 10.93
N ASP B 136 -18.81 0.04 9.72
CA ASP B 136 -19.99 -0.34 8.95
C ASP B 136 -19.79 -1.85 8.64
N VAL B 137 -20.88 -2.62 8.45
CA VAL B 137 -20.77 -4.07 8.17
C VAL B 137 -20.19 -4.43 6.83
N ASP B 138 -20.27 -3.49 5.89
CA ASP B 138 -19.83 -3.71 4.53
C ASP B 138 -18.43 -3.24 4.14
N LEU B 139 -17.56 -3.05 5.12
CA LEU B 139 -16.19 -2.64 4.81
C LEU B 139 -15.26 -3.67 5.42
N ILE B 140 -14.33 -4.18 4.59
CA ILE B 140 -13.36 -5.16 5.02
C ILE B 140 -11.97 -4.60 4.73
N PRO B 141 -11.07 -4.60 5.70
CA PRO B 141 -9.74 -4.05 5.42
C PRO B 141 -8.89 -5.02 4.57
N MET B 142 -8.13 -4.46 3.63
CA MET B 142 -7.33 -5.30 2.77
C MET B 142 -5.87 -5.48 3.21
N ASN B 143 -5.49 -4.92 4.34
CA ASN B 143 -4.11 -5.08 4.81
C ASN B 143 -4.12 -5.12 6.32
N ASP B 144 -3.72 -6.26 6.88
CA ASP B 144 -3.79 -6.41 8.32
C ASP B 144 -2.83 -5.54 9.14
N HIS B 145 -2.10 -4.66 8.46
CA HIS B 145 -1.22 -3.73 9.17
C HIS B 145 -2.08 -2.52 9.59
N ASN B 146 -3.31 -2.48 9.08
CA ASN B 146 -4.26 -1.42 9.41
C ASN B 146 -4.89 -1.92 10.72
N THR B 147 -4.21 -1.68 11.81
CA THR B 147 -4.66 -2.19 13.10
C THR B 147 -6.01 -1.61 13.56
N TYR B 148 -6.91 -2.51 13.94
CA TYR B 148 -8.22 -2.15 14.46
C TYR B 148 -8.14 -1.87 15.95
N ARG B 149 -7.38 -0.84 16.30
CA ARG B 149 -7.28 -0.41 17.68
C ARG B 149 -7.18 1.10 17.73
N CYS B 150 -7.04 1.64 18.94
CA CYS B 150 -6.99 3.08 19.16
C CYS B 150 -5.60 3.67 19.22
N PHE B 151 -5.52 4.95 18.90
CA PHE B 151 -4.25 5.64 18.86
C PHE B 151 -4.33 6.87 19.74
N SER B 152 -3.24 7.63 19.80
CA SER B 152 -3.15 8.83 20.64
C SER B 152 -4.12 9.93 20.22
N GLN B 153 -4.59 9.85 18.97
CA GLN B 153 -5.56 10.78 18.38
C GLN B 153 -6.60 9.89 17.74
N PRO B 154 -7.82 10.41 17.51
CA PRO B 154 -8.91 9.64 16.88
C PRO B 154 -8.38 9.03 15.58
N ARG B 155 -8.78 7.80 15.34
CA ARG B 155 -8.25 7.10 14.19
C ARG B 155 -9.26 6.79 13.12
N HIS B 156 -8.97 7.25 11.91
CA HIS B 156 -9.83 6.97 10.79
C HIS B 156 -9.17 5.79 10.08
N ILE B 157 -9.90 4.68 10.02
CA ILE B 157 -9.39 3.43 9.45
C ILE B 157 -9.63 3.09 7.97
N SER B 158 -10.85 3.32 7.47
CA SER B 158 -11.15 3.03 6.08
C SER B 158 -10.78 4.25 5.25
N VAL B 159 -9.48 4.44 5.05
CA VAL B 159 -8.95 5.60 4.33
C VAL B 159 -9.02 5.55 2.82
N ALA B 160 -8.82 4.35 2.25
CA ALA B 160 -8.82 4.16 0.80
C ALA B 160 -9.75 3.02 0.42
N MET B 161 -11.03 3.34 0.25
CA MET B 161 -12.07 2.38 -0.10
C MET B 161 -12.21 2.31 -1.61
N ASP B 162 -12.60 1.16 -2.14
CA ASP B 162 -12.77 1.09 -3.59
C ASP B 162 -13.89 2.04 -4.01
N LYS B 163 -14.96 2.11 -3.24
CA LYS B 163 -16.07 3.00 -3.57
C LYS B 163 -15.61 4.41 -3.98
N PHE B 164 -14.42 4.80 -3.55
CA PHE B 164 -13.91 6.13 -3.88
C PHE B 164 -12.60 6.02 -4.65
N GLY B 165 -12.42 4.92 -5.37
CA GLY B 165 -11.20 4.77 -6.15
C GLY B 165 -9.97 4.68 -5.26
N PHE B 166 -10.09 3.94 -4.18
CA PHE B 166 -8.99 3.75 -3.25
C PHE B 166 -8.32 5.04 -2.83
N SER B 167 -9.15 6.04 -2.53
CA SER B 167 -8.65 7.32 -2.09
C SER B 167 -9.59 7.93 -1.07
N LEU B 168 -9.09 8.87 -0.29
CA LEU B 168 -9.91 9.57 0.69
C LEU B 168 -10.76 10.56 -0.14
N PRO B 169 -12.11 10.52 0.00
CA PRO B 169 -12.98 11.43 -0.77
C PRO B 169 -12.78 12.91 -0.46
N TYR B 170 -12.49 13.20 0.80
CA TYR B 170 -12.21 14.56 1.25
C TYR B 170 -11.48 14.43 2.58
N VAL B 171 -10.63 15.41 2.90
CA VAL B 171 -9.83 15.32 4.10
C VAL B 171 -10.58 15.24 5.43
N GLN B 172 -11.78 15.82 5.48
CA GLN B 172 -12.59 15.82 6.72
C GLN B 172 -13.46 14.55 6.84
N TYR B 173 -13.22 13.56 5.99
CA TYR B 173 -14.02 12.33 5.98
C TYR B 173 -13.66 11.40 7.15
N PHE B 174 -14.65 11.03 7.95
CA PHE B 174 -14.43 10.19 9.10
C PHE B 174 -15.49 9.10 9.11
N GLY B 175 -15.94 8.71 7.91
CA GLY B 175 -16.98 7.69 7.80
C GLY B 175 -16.38 6.31 7.59
N GLY B 176 -17.25 5.29 7.50
CA GLY B 176 -16.79 3.93 7.26
C GLY B 176 -16.38 3.18 8.52
N VAL B 177 -15.08 3.21 8.85
CA VAL B 177 -14.51 2.53 10.01
C VAL B 177 -13.59 3.51 10.74
N SER B 178 -13.78 3.63 12.04
CA SER B 178 -12.95 4.51 12.83
C SER B 178 -12.77 3.93 14.21
N ALA B 179 -11.83 4.46 14.95
CA ALA B 179 -11.61 3.98 16.30
C ALA B 179 -11.32 5.15 17.23
N LEU B 180 -12.01 5.17 18.37
CA LEU B 180 -11.81 6.19 19.38
C LEU B 180 -11.51 5.54 20.72
N SER B 181 -10.53 6.05 21.46
CA SER B 181 -10.25 5.52 22.79
C SER B 181 -11.46 5.91 23.64
N LYS B 182 -11.67 5.28 24.78
CA LYS B 182 -12.81 5.61 25.63
C LYS B 182 -12.76 7.09 25.98
N GLN B 183 -11.56 7.58 26.22
CA GLN B 183 -11.40 8.98 26.61
C GLN B 183 -11.73 9.94 25.45
N GLN B 184 -11.29 9.60 24.23
CA GLN B 184 -11.58 10.46 23.07
C GLN B 184 -13.09 10.54 22.83
N PHE B 185 -13.77 9.40 23.01
CA PHE B 185 -15.22 9.30 22.83
C PHE B 185 -15.95 10.17 23.88
N LEU B 186 -15.59 9.99 25.14
CA LEU B 186 -16.22 10.72 26.23
C LEU B 186 -16.01 12.20 26.02
N SER B 187 -14.82 12.56 25.57
CA SER B 187 -14.47 13.96 25.37
C SER B 187 -15.42 14.76 24.47
N ILE B 188 -15.95 14.10 23.44
CA ILE B 188 -16.87 14.80 22.52
C ILE B 188 -18.34 14.53 22.88
N ASN B 189 -18.59 14.01 24.07
CA ASN B 189 -19.95 13.66 24.51
C ASN B 189 -20.51 12.64 23.54
N GLY B 190 -19.64 11.71 23.11
CA GLY B 190 -20.07 10.64 22.20
C GLY B 190 -20.51 11.19 20.85
N PHE B 191 -21.40 10.48 20.17
CA PHE B 191 -21.86 10.90 18.84
C PHE B 191 -23.29 11.42 18.91
N PRO B 192 -23.73 12.13 17.85
CA PRO B 192 -25.09 12.65 17.85
C PRO B 192 -26.18 11.57 17.81
N ASN B 193 -27.37 11.91 18.32
CA ASN B 193 -28.49 10.96 18.30
C ASN B 193 -29.55 11.44 17.30
N ASN B 194 -29.42 12.71 16.88
CA ASN B 194 -30.40 13.35 16.03
C ASN B 194 -30.25 13.31 14.52
N TYR B 195 -29.41 12.41 14.00
CA TYR B 195 -29.26 12.26 12.55
C TYR B 195 -29.97 10.98 12.09
N TRP B 196 -31.09 11.14 11.39
CA TRP B 196 -31.88 10.02 10.88
C TRP B 196 -31.75 9.97 9.36
N GLY B 197 -31.56 8.78 8.82
CA GLY B 197 -31.39 8.69 7.39
C GLY B 197 -29.93 8.88 7.08
N TRP B 198 -29.58 8.68 5.82
CA TRP B 198 -28.20 8.77 5.36
C TRP B 198 -27.52 10.14 5.35
N GLY B 199 -26.23 10.12 5.68
CA GLY B 199 -25.41 11.32 5.62
C GLY B 199 -25.23 12.33 6.74
N GLY B 200 -24.03 12.88 6.80
CA GLY B 200 -23.72 13.90 7.76
C GLY B 200 -23.31 13.57 9.18
N GLU B 201 -23.78 12.46 9.74
CA GLU B 201 -23.45 12.14 11.13
C GLU B 201 -21.96 11.96 11.36
N ASP B 202 -21.29 11.41 10.35
CA ASP B 202 -19.86 11.25 10.47
C ASP B 202 -19.16 12.61 10.33
N ASP B 203 -19.77 13.55 9.62
CA ASP B 203 -19.16 14.87 9.47
C ASP B 203 -19.34 15.62 10.79
N ASP B 204 -20.48 15.36 11.44
CA ASP B 204 -20.75 15.95 12.75
C ASP B 204 -19.65 15.48 13.73
N ILE B 205 -19.42 14.17 13.75
CA ILE B 205 -18.39 13.57 14.62
C ILE B 205 -17.05 14.21 14.33
N TYR B 206 -16.69 14.30 13.05
CA TYR B 206 -15.45 14.98 12.67
C TYR B 206 -15.46 16.40 13.29
N ASN B 207 -16.59 17.09 13.19
CA ASN B 207 -16.71 18.45 13.79
C ASN B 207 -16.44 18.41 15.29
N ARG B 208 -17.07 17.48 15.99
CA ARG B 208 -16.88 17.37 17.45
C ARG B 208 -15.41 17.17 17.83
N LEU B 209 -14.73 16.28 17.11
CA LEU B 209 -13.32 16.01 17.41
C LEU B 209 -12.50 17.28 17.25
N ALA B 210 -12.69 17.96 16.13
CA ALA B 210 -11.95 19.20 15.86
C ALA B 210 -12.22 20.26 16.94
N PHE B 211 -13.46 20.36 17.42
CA PHE B 211 -13.79 21.33 18.48
C PHE B 211 -13.11 20.95 19.79
N ARG B 212 -12.86 19.67 20.03
CA ARG B 212 -12.18 19.27 21.27
C ARG B 212 -10.67 19.27 21.08
N GLY B 213 -10.24 19.96 20.02
CA GLY B 213 -8.84 20.06 19.74
C GLY B 213 -8.12 18.83 19.28
N MET B 214 -8.81 17.84 18.70
CA MET B 214 -8.12 16.64 18.23
C MET B 214 -7.93 16.63 16.71
N SER B 215 -6.93 15.89 16.25
CA SER B 215 -6.68 15.80 14.82
C SER B 215 -6.98 14.35 14.47
N VAL B 216 -7.07 14.01 13.19
CA VAL B 216 -7.40 12.64 12.81
C VAL B 216 -6.15 11.91 12.40
N SER B 217 -5.91 10.77 13.04
CA SER B 217 -4.76 9.95 12.73
C SER B 217 -5.22 8.94 11.69
N ARG B 218 -4.36 8.64 10.72
CA ARG B 218 -4.71 7.71 9.65
C ARG B 218 -3.51 6.95 9.13
N PRO B 219 -3.73 5.73 8.63
CA PRO B 219 -2.61 4.97 8.10
C PRO B 219 -2.54 5.51 6.66
N ASN B 220 -1.47 5.24 5.91
CA ASN B 220 -1.40 5.75 4.55
C ASN B 220 -2.41 5.03 3.66
N ALA B 221 -2.63 5.56 2.47
CA ALA B 221 -3.59 5.02 1.52
C ALA B 221 -3.30 3.59 1.06
N VAL B 222 -2.07 3.13 1.23
CA VAL B 222 -1.72 1.77 0.80
C VAL B 222 -2.14 0.79 1.91
N ILE B 223 -1.74 1.07 3.14
CA ILE B 223 -2.06 0.22 4.26
C ILE B 223 -3.53 0.29 4.62
N GLY B 224 -4.14 1.43 4.33
CA GLY B 224 -5.54 1.63 4.64
C GLY B 224 -6.57 1.24 3.59
N LYS B 225 -6.21 0.46 2.58
CA LYS B 225 -7.21 0.08 1.57
C LYS B 225 -8.27 -0.84 2.13
N CYS B 226 -9.51 -0.60 1.73
CA CYS B 226 -10.63 -1.42 2.20
C CYS B 226 -11.52 -1.74 1.02
N ARG B 227 -12.22 -2.85 1.12
CA ARG B 227 -13.15 -3.24 0.07
C ARG B 227 -14.57 -3.14 0.64
N MET B 228 -15.49 -2.61 -0.15
CA MET B 228 -16.88 -2.46 0.29
C MET B 228 -17.73 -3.52 -0.39
N ILE B 229 -18.64 -4.15 0.36
CA ILE B 229 -19.53 -5.17 -0.20
C ILE B 229 -20.66 -4.36 -0.82
N ARG B 230 -20.85 -4.48 -2.13
CA ARG B 230 -21.90 -3.69 -2.77
C ARG B 230 -23.36 -3.99 -2.37
N HIS B 231 -24.23 -3.02 -2.65
CA HIS B 231 -25.64 -3.09 -2.29
C HIS B 231 -26.43 -2.00 -3.02
N SER B 232 -27.76 -2.17 -3.10
CA SER B 232 -28.63 -1.18 -3.75
C SER B 232 -29.19 -0.16 -2.75
N ARG B 233 -29.58 1.02 -3.24
CA ARG B 233 -30.14 2.06 -2.36
C ARG B 233 -31.06 1.46 -1.30
N ASP B 234 -30.92 1.94 -0.06
CA ASP B 234 -31.72 1.45 1.06
C ASP B 234 -32.85 2.44 1.34
N LYS B 235 -34.07 2.02 1.04
CA LYS B 235 -35.26 2.85 1.25
C LYS B 235 -35.38 3.31 2.72
N LYS B 236 -34.82 2.53 3.63
CA LYS B 236 -34.90 2.87 5.05
C LYS B 236 -33.80 3.83 5.48
N ASN B 237 -32.97 4.24 4.52
CA ASN B 237 -31.88 5.16 4.81
C ASN B 237 -31.67 6.15 3.65
N GLU B 238 -32.71 6.93 3.38
CA GLU B 238 -32.71 7.93 2.30
C GLU B 238 -31.94 9.17 2.76
N PRO B 239 -31.25 9.86 1.83
CA PRO B 239 -30.48 11.06 2.18
C PRO B 239 -31.25 11.99 3.12
N ASN B 240 -30.62 12.42 4.22
CA ASN B 240 -31.24 13.31 5.20
C ASN B 240 -31.21 14.77 4.77
N PRO B 241 -32.39 15.36 4.52
CA PRO B 241 -32.53 16.77 4.08
C PRO B 241 -31.93 17.82 5.03
N GLN B 242 -31.96 17.54 6.33
CA GLN B 242 -31.46 18.48 7.31
C GLN B 242 -30.01 18.26 7.61
N ARG B 243 -29.38 17.31 6.95
CA ARG B 243 -28.01 17.03 7.33
C ARG B 243 -27.09 18.22 7.29
N PHE B 244 -27.18 19.04 6.25
CA PHE B 244 -26.28 20.18 6.16
C PHE B 244 -26.47 21.22 7.24
N ASP B 245 -27.71 21.52 7.61
CA ASP B 245 -27.93 22.46 8.68
C ASP B 245 -27.38 21.87 10.00
N ARG B 246 -27.61 20.58 10.22
CA ARG B 246 -27.14 19.94 11.45
C ARG B 246 -25.63 20.04 11.55
N ILE B 247 -24.95 19.71 10.46
CA ILE B 247 -23.49 19.74 10.43
C ILE B 247 -22.96 21.14 10.72
N ALA B 248 -23.68 22.14 10.23
CA ALA B 248 -23.28 23.53 10.41
C ALA B 248 -23.40 23.99 11.85
N HIS B 249 -24.17 23.26 12.66
CA HIS B 249 -24.34 23.67 14.05
C HIS B 249 -23.77 22.76 15.12
N THR B 250 -22.92 21.81 14.75
CA THR B 250 -22.35 20.91 15.71
C THR B 250 -21.84 21.56 16.99
N LYS B 251 -21.10 22.66 16.85
CA LYS B 251 -20.51 23.35 18.00
C LYS B 251 -21.51 23.55 19.11
N GLU B 252 -22.75 23.88 18.76
CA GLU B 252 -23.68 24.09 19.82
C GLU B 252 -24.44 22.86 20.25
N THR B 253 -24.83 22.04 19.30
CA THR B 253 -25.60 20.85 19.64
C THR B 253 -24.86 19.67 20.26
N MET B 254 -23.54 19.64 20.16
CA MET B 254 -22.77 18.52 20.69
C MET B 254 -22.83 18.40 22.20
N LEU B 255 -23.05 19.52 22.87
CA LEU B 255 -23.14 19.49 24.32
C LEU B 255 -24.49 18.99 24.82
N SER B 256 -25.52 19.05 23.98
CA SER B 256 -26.85 18.60 24.41
C SER B 256 -27.37 17.32 23.73
N ASP B 257 -26.70 16.89 22.67
CA ASP B 257 -27.11 15.68 21.94
C ASP B 257 -25.92 14.73 21.84
N GLY B 258 -25.96 13.63 22.60
CA GLY B 258 -24.86 12.67 22.56
C GLY B 258 -24.99 11.63 23.67
N LEU B 259 -23.87 11.18 24.22
CA LEU B 259 -23.90 10.18 25.28
C LEU B 259 -24.84 10.61 26.38
N ASN B 260 -24.68 11.85 26.85
CA ASN B 260 -25.51 12.39 27.94
C ASN B 260 -27.02 12.46 27.67
N SER B 261 -27.46 12.30 26.44
CA SER B 261 -28.89 12.41 26.14
C SER B 261 -29.39 11.15 25.45
N LEU B 262 -28.60 10.09 25.52
CA LEU B 262 -28.94 8.83 24.88
C LEU B 262 -30.02 8.03 25.60
N THR B 263 -31.06 7.61 24.89
CA THR B 263 -32.09 6.76 25.48
C THR B 263 -32.44 5.74 24.42
N TYR B 264 -32.78 4.54 24.87
CA TYR B 264 -33.13 3.43 23.98
C TYR B 264 -33.67 2.28 24.82
N MET B 265 -34.28 1.30 24.18
CA MET B 265 -34.76 0.14 24.90
C MET B 265 -34.17 -1.09 24.27
N VAL B 266 -33.52 -1.93 25.09
CA VAL B 266 -32.95 -3.17 24.60
C VAL B 266 -34.08 -4.19 24.45
N LEU B 267 -34.27 -4.73 23.25
CA LEU B 267 -35.33 -5.71 23.01
C LEU B 267 -34.77 -7.14 23.13
N GLU B 268 -33.47 -7.28 22.97
CA GLU B 268 -32.83 -8.58 23.08
C GLU B 268 -31.32 -8.46 23.00
N VAL B 269 -30.63 -9.28 23.79
CA VAL B 269 -29.17 -9.35 23.75
C VAL B 269 -28.95 -10.81 23.32
N GLN B 270 -28.29 -11.01 22.17
CA GLN B 270 -28.03 -12.36 21.70
C GLN B 270 -26.56 -12.65 21.72
N ARG B 271 -26.17 -13.73 22.37
CA ARG B 271 -24.78 -14.10 22.39
C ARG B 271 -24.64 -15.31 21.46
N TYR B 272 -24.06 -15.08 20.29
CA TYR B 272 -23.78 -16.15 19.33
C TYR B 272 -22.32 -16.52 19.53
N PRO B 273 -21.86 -17.63 18.96
CA PRO B 273 -20.44 -17.89 19.21
C PRO B 273 -19.49 -16.85 18.56
N LEU B 274 -19.91 -16.23 17.47
CA LEU B 274 -19.03 -15.28 16.79
C LEU B 274 -19.27 -13.80 17.07
N TYR B 275 -20.33 -13.48 17.81
CA TYR B 275 -20.65 -12.08 18.09
C TYR B 275 -21.84 -11.90 19.01
N THR B 276 -21.98 -10.69 19.52
CA THR B 276 -23.10 -10.34 20.37
C THR B 276 -23.98 -9.43 19.54
N LYS B 277 -25.26 -9.78 19.38
CA LYS B 277 -26.19 -8.94 18.62
C LYS B 277 -27.17 -8.36 19.63
N ILE B 278 -27.23 -7.04 19.74
CA ILE B 278 -28.13 -6.38 20.68
C ILE B 278 -29.20 -5.69 19.87
N THR B 279 -30.45 -6.13 19.98
CA THR B 279 -31.48 -5.47 19.19
C THR B 279 -32.09 -4.37 20.04
N VAL B 280 -32.20 -3.19 19.47
CA VAL B 280 -32.72 -2.09 20.25
C VAL B 280 -33.78 -1.23 19.58
N ASP B 281 -34.58 -0.58 20.43
CA ASP B 281 -35.63 0.34 20.00
C ASP B 281 -35.04 1.70 20.35
N ILE B 282 -34.60 2.41 19.31
CA ILE B 282 -34.00 3.72 19.47
C ILE B 282 -34.98 4.87 19.20
N GLY B 283 -36.27 4.57 19.19
CA GLY B 283 -37.27 5.60 18.97
C GLY B 283 -37.45 6.04 17.52
N THR B 284 -37.93 7.27 17.37
CA THR B 284 -38.19 7.81 16.06
C THR B 284 -37.78 9.29 15.97
N PRO B 285 -37.74 9.85 14.76
CA PRO B 285 -37.37 11.25 14.57
C PRO B 285 -38.32 12.19 15.30
N SER B 286 -37.77 13.27 15.87
CA SER B 286 -38.57 14.26 16.59
C SER B 286 -37.91 15.64 16.49
N THR C 1 0.96 1.02 -8.50
CA THR C 1 1.23 0.19 -9.71
C THR C 1 2.69 0.34 -10.11
N GLU C 2 3.34 -0.77 -10.50
CA GLU C 2 4.73 -0.69 -10.97
C GLU C 2 4.62 -0.43 -12.45
N LEU C 3 4.96 0.78 -12.87
CA LEU C 3 4.84 1.16 -14.27
C LEU C 3 6.03 0.73 -15.09
N THR C 4 5.95 0.87 -16.41
CA THR C 4 7.09 0.51 -17.26
C THR C 4 7.71 1.84 -17.63
N LYS C 5 8.95 1.83 -18.12
CA LYS C 5 9.60 3.06 -18.52
C LYS C 5 8.79 3.82 -19.57
N CYS C 6 8.16 3.09 -20.50
CA CYS C 6 7.33 3.77 -21.50
C CYS C 6 6.07 4.35 -20.88
N LYS C 7 5.41 3.64 -19.97
CA LYS C 7 4.20 4.24 -19.36
C LYS C 7 4.58 5.53 -18.61
N VAL C 8 5.65 5.45 -17.83
CA VAL C 8 6.12 6.62 -17.08
C VAL C 8 6.44 7.79 -17.99
N SER C 9 7.25 7.57 -19.02
CA SER C 9 7.63 8.67 -19.90
C SER C 9 6.40 9.30 -20.59
N HIS C 10 5.41 8.50 -20.94
CA HIS C 10 4.22 9.08 -21.54
C HIS C 10 3.46 9.90 -20.49
N ALA C 11 3.27 9.32 -19.30
CA ALA C 11 2.54 10.01 -18.22
C ALA C 11 3.14 11.33 -17.75
N ILE C 12 4.46 11.44 -17.71
CA ILE C 12 5.10 12.67 -17.23
C ILE C 12 5.53 13.61 -18.35
N LYS C 13 5.17 13.28 -19.58
CA LYS C 13 5.54 14.09 -20.74
C LYS C 13 5.48 15.61 -20.56
N ASP C 14 4.54 16.12 -19.78
CA ASP C 14 4.44 17.57 -19.61
C ASP C 14 5.47 18.24 -18.71
N ILE C 15 6.29 17.47 -18.02
CA ILE C 15 7.30 18.05 -17.13
C ILE C 15 8.59 18.20 -17.91
N ASP C 16 8.62 17.62 -19.10
CA ASP C 16 9.80 17.63 -19.97
C ASP C 16 10.35 19.02 -20.22
N GLY C 17 11.64 19.22 -19.96
CA GLY C 17 12.25 20.52 -20.17
C GLY C 17 12.26 21.46 -18.97
N TYR C 18 11.29 21.34 -18.08
CA TYR C 18 11.26 22.20 -16.91
C TYR C 18 12.58 22.16 -16.18
N GLN C 19 13.08 23.33 -15.78
CA GLN C 19 14.34 23.38 -15.04
C GLN C 19 15.46 22.73 -15.88
N GLY C 20 15.23 22.60 -17.18
CA GLY C 20 16.22 22.01 -18.08
C GLY C 20 16.43 20.51 -18.03
N ILE C 21 15.50 19.79 -17.42
CA ILE C 21 15.62 18.34 -17.28
C ILE C 21 14.77 17.66 -18.36
N SER C 22 15.36 16.72 -19.11
CA SER C 22 14.61 16.04 -20.15
C SER C 22 13.88 14.78 -19.63
N LEU C 23 13.04 14.19 -20.49
CA LEU C 23 12.33 12.97 -20.14
C LEU C 23 13.29 11.79 -19.97
N LEU C 24 14.42 11.77 -20.69
CA LEU C 24 15.39 10.68 -20.53
C LEU C 24 15.99 10.75 -19.12
N GLU C 25 16.36 11.94 -18.69
CA GLU C 25 16.88 12.13 -17.33
C GLU C 25 15.84 11.75 -16.29
N TRP C 26 14.59 12.12 -16.52
CA TRP C 26 13.53 11.79 -15.57
C TRP C 26 13.28 10.27 -15.51
N ALA C 27 13.27 9.60 -16.67
CA ALA C 27 13.08 8.15 -16.65
C ALA C 27 14.20 7.54 -15.80
N CYS C 28 15.41 8.07 -15.97
CA CYS C 28 16.54 7.55 -15.22
C CYS C 28 16.33 7.85 -13.73
N VAL C 29 16.07 9.12 -13.40
CA VAL C 29 15.88 9.49 -12.02
C VAL C 29 14.78 8.69 -11.32
N LEU C 30 13.63 8.56 -11.98
CA LEU C 30 12.50 7.87 -11.35
C LEU C 30 12.69 6.38 -11.19
N PHE C 31 13.41 5.76 -12.13
CA PHE C 31 13.66 4.33 -11.96
C PHE C 31 14.40 4.11 -10.66
N HIS C 32 15.44 4.91 -10.44
CA HIS C 32 16.23 4.77 -9.22
C HIS C 32 15.58 5.30 -7.94
N THR C 33 14.65 6.22 -8.09
CA THR C 33 13.99 6.82 -6.94
C THR C 33 12.89 5.93 -6.38
N SER C 34 12.05 5.39 -7.26
CA SER C 34 10.94 4.56 -6.84
C SER C 34 10.78 3.26 -7.61
N GLY C 35 11.66 3.00 -8.59
CA GLY C 35 11.52 1.80 -9.40
C GLY C 35 10.21 1.85 -10.18
N TYR C 36 9.73 3.06 -10.46
CA TYR C 36 8.48 3.33 -11.18
C TYR C 36 7.23 2.85 -10.42
N ASP C 37 7.37 2.61 -9.12
CA ASP C 37 6.23 2.15 -8.33
C ASP C 37 5.43 3.35 -7.80
N THR C 38 4.26 3.61 -8.38
CA THR C 38 3.43 4.73 -7.95
C THR C 38 2.99 4.64 -6.48
N GLN C 39 3.15 3.48 -5.83
CA GLN C 39 2.72 3.33 -4.43
C GLN C 39 3.89 3.22 -3.47
N ALA C 40 5.09 3.54 -3.94
CA ALA C 40 6.25 3.43 -3.07
C ALA C 40 6.10 4.37 -1.87
N VAL C 41 6.42 3.85 -0.70
CA VAL C 41 6.38 4.57 0.55
C VAL C 41 7.66 4.20 1.23
N VAL C 42 8.54 5.17 1.47
CA VAL C 42 9.83 4.88 2.08
C VAL C 42 10.15 5.78 3.25
N ASN C 43 10.56 5.19 4.36
CA ASN C 43 10.93 5.98 5.53
C ASN C 43 12.36 6.47 5.35
N ASP C 44 12.57 7.75 5.65
CA ASP C 44 13.88 8.38 5.53
C ASP C 44 14.09 9.32 6.71
N ASN C 45 14.63 8.79 7.80
CA ASN C 45 14.93 9.61 8.99
C ASN C 45 13.76 10.32 9.65
N GLY C 46 12.74 9.60 10.08
CA GLY C 46 11.64 10.32 10.71
C GLY C 46 10.64 10.91 9.72
N SER C 47 10.99 10.91 8.44
CA SER C 47 10.04 11.41 7.48
C SER C 47 9.75 10.28 6.47
N THR C 48 8.74 10.50 5.63
CA THR C 48 8.32 9.48 4.68
C THR C 48 8.16 10.09 3.28
N GLU C 49 8.67 9.40 2.28
CA GLU C 49 8.61 9.89 0.89
C GLU C 49 7.61 9.04 0.14
N TYR C 50 6.84 9.72 -0.69
CA TYR C 50 5.70 9.15 -1.39
C TYR C 50 5.67 9.07 -2.88
N GLY C 51 5.24 7.91 -3.37
CA GLY C 51 5.04 7.71 -4.79
C GLY C 51 6.19 7.70 -5.77
N LEU C 52 5.80 7.80 -7.03
CA LEU C 52 6.75 7.75 -8.14
C LEU C 52 7.90 8.71 -7.92
N PHE C 53 7.59 9.94 -7.52
CA PHE C 53 8.64 10.97 -7.31
C PHE C 53 9.30 10.98 -5.91
N GLN C 54 8.76 10.17 -5.00
CA GLN C 54 9.25 10.08 -3.63
C GLN C 54 9.31 11.48 -3.00
N ILE C 55 8.15 12.14 -3.03
CA ILE C 55 7.94 13.48 -2.48
C ILE C 55 7.80 13.32 -0.97
N SER C 56 8.54 14.13 -0.21
CA SER C 56 8.59 14.00 1.24
C SER C 56 7.48 14.70 2.01
N ASP C 57 6.99 14.06 3.07
CA ASP C 57 5.95 14.67 3.89
C ASP C 57 6.57 15.68 4.88
N ARG C 58 7.88 15.86 4.83
CA ARG C 58 8.50 16.81 5.74
C ARG C 58 8.14 18.26 5.36
N PHE C 59 8.07 18.54 4.06
CA PHE C 59 7.77 19.90 3.61
C PHE C 59 6.73 20.07 2.50
N TRP C 60 6.68 19.08 1.60
CA TRP C 60 5.89 19.14 0.37
C TRP C 60 4.46 18.70 0.37
N CYS C 61 4.13 17.61 1.06
CA CYS C 61 2.75 17.18 1.11
C CYS C 61 2.39 16.99 2.57
N LYS C 62 1.09 16.92 2.86
CA LYS C 62 0.66 16.74 4.24
C LYS C 62 0.29 15.31 4.57
N SER C 63 0.93 14.75 5.59
CA SER C 63 0.63 13.39 6.00
C SER C 63 0.14 13.45 7.45
N SER C 64 -0.41 12.35 7.92
CA SER C 64 -0.93 12.26 9.29
C SER C 64 0.23 12.39 10.27
N GLU C 65 1.37 11.86 9.88
CA GLU C 65 2.59 11.84 10.68
C GLU C 65 3.39 13.09 10.91
N PHE C 66 3.38 14.01 9.96
CA PHE C 66 4.23 15.17 10.13
C PHE C 66 3.51 16.48 10.12
N PRO C 67 2.87 16.80 11.26
CA PRO C 67 2.07 17.99 11.59
C PRO C 67 2.70 19.32 11.16
N GLU C 68 3.96 19.52 11.48
CA GLU C 68 4.59 20.80 11.14
C GLU C 68 5.01 20.96 9.68
N SER C 69 4.63 20.03 8.80
CA SER C 69 4.95 20.16 7.40
C SER C 69 4.31 21.41 6.78
N GLU C 70 5.09 22.13 5.99
CA GLU C 70 4.57 23.33 5.31
C GLU C 70 3.60 22.90 4.21
N ASN C 71 3.59 21.62 3.83
CA ASN C 71 2.66 21.19 2.79
C ASN C 71 2.75 22.18 1.63
N ILE C 72 3.95 22.39 1.11
CA ILE C 72 4.10 23.35 0.04
C ILE C 72 3.26 23.03 -1.19
N CYS C 73 3.11 21.75 -1.51
CA CYS C 73 2.34 21.38 -2.68
C CYS C 73 0.86 21.47 -2.45
N GLY C 74 0.46 21.64 -1.19
CA GLY C 74 -0.95 21.77 -0.85
C GLY C 74 -1.76 20.53 -1.18
N ILE C 75 -1.19 19.39 -0.84
CA ILE C 75 -1.84 18.14 -1.15
C ILE C 75 -1.57 17.09 -0.09
N SER C 76 -2.53 16.19 0.11
CA SER C 76 -2.34 15.11 1.07
C SER C 76 -1.36 14.15 0.39
N CYS C 77 -0.39 13.66 1.15
CA CYS C 77 0.59 12.75 0.61
C CYS C 77 -0.02 11.50 -0.02
N ASP C 78 -1.21 11.11 0.44
CA ASP C 78 -1.87 9.92 -0.10
C ASP C 78 -2.28 10.11 -1.55
N LYS C 79 -2.43 11.37 -1.95
CA LYS C 79 -2.74 11.73 -3.34
C LYS C 79 -1.56 11.35 -4.24
N LEU C 80 -0.42 11.08 -3.63
CA LEU C 80 0.78 10.69 -4.36
C LEU C 80 0.97 9.18 -4.42
N LEU C 81 -0.01 8.44 -3.90
CA LEU C 81 0.05 6.97 -3.94
C LEU C 81 -0.93 6.33 -4.93
N ASP C 82 -1.54 7.13 -5.80
CA ASP C 82 -2.45 6.59 -6.78
C ASP C 82 -1.81 6.59 -8.18
N ASP C 83 -2.57 6.14 -9.18
CA ASP C 83 -2.07 6.07 -10.53
C ASP C 83 -2.31 7.30 -11.37
N GLU C 84 -2.89 8.34 -10.76
CA GLU C 84 -3.12 9.60 -11.48
C GLU C 84 -1.88 10.42 -11.13
N LEU C 85 -1.01 10.57 -12.11
CA LEU C 85 0.24 11.27 -11.90
C LEU C 85 0.25 12.79 -12.04
N ASP C 86 -0.83 13.42 -12.49
CA ASP C 86 -0.76 14.87 -12.69
C ASP C 86 -0.52 15.71 -11.45
N ASP C 87 -1.08 15.33 -10.31
CA ASP C 87 -0.82 16.11 -9.11
C ASP C 87 0.60 15.82 -8.63
N ASP C 88 1.09 14.60 -8.83
CA ASP C 88 2.48 14.31 -8.43
C ASP C 88 3.38 15.24 -9.24
N ILE C 89 3.09 15.37 -10.54
CA ILE C 89 3.88 16.22 -11.43
C ILE C 89 3.80 17.70 -11.02
N ALA C 90 2.60 18.16 -10.67
CA ALA C 90 2.46 19.55 -10.26
C ALA C 90 3.34 19.76 -9.04
N CYS C 91 3.37 18.78 -8.15
CA CYS C 91 4.17 18.96 -6.94
C CYS C 91 5.65 18.92 -7.28
N ALA C 92 6.02 18.00 -8.18
CA ALA C 92 7.42 17.88 -8.60
C ALA C 92 7.93 19.19 -9.22
N LYS C 93 7.08 19.91 -9.96
CA LYS C 93 7.49 21.19 -10.56
C LYS C 93 7.74 22.26 -9.48
N LYS C 94 6.95 22.24 -8.41
CA LYS C 94 7.19 23.20 -7.32
C LYS C 94 8.54 22.88 -6.70
N ILE C 95 8.85 21.58 -6.54
CA ILE C 95 10.14 21.20 -5.99
C ILE C 95 11.27 21.67 -6.93
N LEU C 96 11.07 21.50 -8.24
CA LEU C 96 12.11 21.93 -9.18
C LEU C 96 12.34 23.44 -9.12
N ALA C 97 11.25 24.21 -8.95
CA ALA C 97 11.35 25.66 -8.92
C ALA C 97 11.99 26.19 -7.65
N ILE C 98 11.73 25.50 -6.55
CA ILE C 98 12.27 25.92 -5.25
C ILE C 98 13.63 25.32 -4.92
N LYS C 99 13.69 23.99 -4.86
CA LYS C 99 14.93 23.29 -4.52
C LYS C 99 15.78 22.93 -5.72
N GLY C 100 15.15 22.57 -6.84
CA GLY C 100 15.93 22.19 -8.02
C GLY C 100 16.04 20.67 -8.16
N ILE C 101 16.61 20.18 -9.27
CA ILE C 101 16.73 18.75 -9.51
C ILE C 101 17.44 17.95 -8.39
N ASP C 102 18.36 18.59 -7.67
CA ASP C 102 19.06 17.88 -6.63
C ASP C 102 18.21 17.43 -5.43
N TYR C 103 16.91 17.70 -5.46
CA TYR C 103 16.04 17.16 -4.44
C TYR C 103 16.16 15.64 -4.70
N TRP C 104 16.22 15.26 -5.98
CA TRP C 104 16.34 13.81 -6.30
C TRP C 104 17.81 13.39 -6.24
N LYS C 105 18.18 12.74 -5.15
CA LYS C 105 19.58 12.33 -4.94
C LYS C 105 20.15 11.39 -5.98
N ALA C 106 19.29 10.68 -6.71
CA ALA C 106 19.74 9.75 -7.73
C ALA C 106 20.28 10.44 -8.97
N TYR C 107 19.84 11.66 -9.22
CA TYR C 107 20.21 12.35 -10.45
C TYR C 107 21.68 12.44 -10.76
N LYS C 108 22.47 12.96 -9.82
CA LYS C 108 23.90 13.11 -10.07
C LYS C 108 24.69 11.82 -10.26
N PRO C 109 24.61 10.89 -9.29
CA PRO C 109 25.39 9.66 -9.47
C PRO C 109 24.87 8.68 -10.50
N MET C 110 23.59 8.70 -10.75
CA MET C 110 23.04 7.71 -11.66
C MET C 110 22.64 8.21 -13.00
N CYS C 111 22.42 9.52 -13.12
CA CYS C 111 21.92 10.02 -14.40
C CYS C 111 22.72 11.17 -15.05
N SER C 112 24.04 11.11 -14.86
CA SER C 112 24.95 12.10 -15.41
C SER C 112 25.54 11.65 -16.75
N GLU C 113 25.21 10.43 -17.18
CA GLU C 113 25.71 9.89 -18.44
C GLU C 113 24.79 8.78 -18.90
N LYS C 114 25.02 8.28 -20.11
CA LYS C 114 24.23 7.17 -20.64
C LYS C 114 22.72 7.38 -20.54
N LEU C 115 22.23 8.46 -21.16
CA LEU C 115 20.81 8.82 -21.12
C LEU C 115 19.97 8.23 -22.26
N GLU C 116 20.60 7.84 -23.35
CA GLU C 116 19.85 7.28 -24.45
C GLU C 116 19.12 6.01 -24.09
N GLN C 117 19.76 5.16 -23.30
CA GLN C 117 19.14 3.90 -22.90
C GLN C 117 17.81 4.17 -22.19
N TRP C 118 17.64 5.37 -21.62
CA TRP C 118 16.36 5.64 -20.94
C TRP C 118 15.23 6.16 -21.85
N ARG C 119 15.45 6.12 -23.16
CA ARG C 119 14.41 6.56 -24.08
C ARG C 119 13.39 5.45 -24.31
N CYS C 120 12.11 5.77 -24.23
CA CYS C 120 11.10 4.74 -24.49
C CYS C 120 11.19 4.52 -26.00
N GLU C 121 11.54 3.31 -26.44
CA GLU C 121 11.64 3.13 -27.87
C GLU C 121 10.29 3.08 -28.55
N LYS C 122 9.29 2.56 -27.84
CA LYS C 122 7.93 2.50 -28.37
C LYS C 122 7.59 3.84 -29.01
N PRO C 123 7.75 3.96 -30.35
CA PRO C 123 7.49 5.16 -31.16
C PRO C 123 6.25 6.00 -30.78
N LEU D 15 39.48 -39.37 -16.10
CA LEU D 15 38.38 -38.53 -16.68
C LEU D 15 38.96 -37.40 -17.50
N THR D 16 38.21 -36.95 -18.50
CA THR D 16 38.63 -35.86 -19.37
C THR D 16 37.94 -34.57 -18.95
N ALA D 17 38.38 -33.44 -19.51
CA ALA D 17 37.79 -32.16 -19.17
C ALA D 17 36.40 -32.06 -19.80
N CYS D 18 35.40 -31.59 -19.03
CA CYS D 18 34.05 -31.43 -19.58
C CYS D 18 34.15 -30.50 -20.76
N PRO D 19 33.21 -30.63 -21.71
CA PRO D 19 33.17 -29.78 -22.91
C PRO D 19 32.91 -28.30 -22.57
N GLU D 20 33.30 -27.40 -23.45
CA GLU D 20 33.10 -25.96 -23.22
C GLU D 20 31.66 -25.68 -22.85
N GLU D 21 30.73 -26.25 -23.63
CA GLU D 21 29.30 -26.10 -23.36
C GLU D 21 28.75 -27.49 -23.08
N SER D 22 27.81 -27.59 -22.16
CA SER D 22 27.23 -28.89 -21.83
C SER D 22 26.28 -29.42 -22.90
N PRO D 23 26.31 -30.75 -23.13
CA PRO D 23 25.44 -31.38 -24.12
C PRO D 23 24.11 -31.72 -23.47
N LEU D 24 24.03 -31.54 -22.16
CA LEU D 24 22.83 -31.84 -21.37
C LEU D 24 21.77 -30.73 -21.32
N LEU D 25 22.13 -29.53 -21.77
CA LEU D 25 21.24 -28.35 -21.75
C LEU D 25 19.91 -28.46 -22.49
N VAL D 26 18.83 -27.98 -21.88
CA VAL D 26 17.49 -28.03 -22.51
C VAL D 26 17.01 -26.67 -22.97
N GLY D 27 17.68 -25.62 -22.53
CA GLY D 27 17.29 -24.29 -22.94
C GLY D 27 16.22 -23.67 -22.04
N PRO D 28 15.16 -23.13 -22.65
CA PRO D 28 14.02 -22.47 -22.00
C PRO D 28 13.17 -23.36 -21.14
N MET D 29 12.88 -22.90 -19.92
CA MET D 29 12.07 -23.65 -18.97
C MET D 29 10.92 -22.83 -18.41
N LEU D 30 9.88 -23.53 -17.96
CA LEU D 30 8.74 -22.88 -17.36
C LEU D 30 9.08 -22.74 -15.89
N ILE D 31 9.16 -21.51 -15.42
CA ILE D 31 9.46 -21.23 -14.02
C ILE D 31 8.21 -20.67 -13.36
N GLU D 32 7.68 -21.39 -12.38
CA GLU D 32 6.46 -20.96 -11.68
C GLU D 32 6.59 -21.19 -10.19
N PHE D 33 5.91 -20.36 -9.41
CA PHE D 33 6.00 -20.42 -7.97
C PHE D 33 4.67 -20.75 -7.29
N ASN D 34 3.89 -21.63 -7.93
CA ASN D 34 2.60 -22.06 -7.41
C ASN D 34 2.81 -23.29 -6.56
N ILE D 35 2.75 -24.45 -7.20
CA ILE D 35 2.92 -25.73 -6.51
C ILE D 35 3.84 -25.68 -5.29
N PRO D 36 3.35 -26.15 -4.13
CA PRO D 36 4.26 -26.11 -2.98
C PRO D 36 5.40 -27.05 -3.33
N VAL D 37 6.57 -26.84 -2.76
CA VAL D 37 7.68 -27.71 -3.05
C VAL D 37 8.12 -28.38 -1.76
N ASP D 38 8.43 -29.66 -1.85
CA ASP D 38 8.88 -30.39 -0.70
C ASP D 38 10.35 -30.69 -0.90
N LEU D 39 11.19 -30.19 -0.01
CA LEU D 39 12.61 -30.43 -0.13
C LEU D 39 12.97 -31.91 -0.12
N LYS D 40 12.18 -32.72 0.56
CA LYS D 40 12.46 -34.14 0.59
C LYS D 40 12.29 -34.60 -0.86
N LEU D 41 11.27 -34.04 -1.52
CA LEU D 41 10.99 -34.34 -2.92
C LEU D 41 12.17 -33.91 -3.81
N VAL D 42 12.69 -32.71 -3.58
CA VAL D 42 13.82 -32.19 -4.35
C VAL D 42 15.05 -33.05 -4.14
N GLU D 43 15.25 -33.52 -2.91
CA GLU D 43 16.40 -34.35 -2.61
C GLU D 43 16.28 -35.68 -3.34
N GLN D 44 15.07 -36.23 -3.38
CA GLN D 44 14.85 -37.51 -4.07
C GLN D 44 15.14 -37.37 -5.56
N GLN D 45 14.77 -36.23 -6.13
CA GLN D 45 14.96 -35.94 -7.55
C GLN D 45 16.42 -35.63 -7.92
N ASN D 46 17.24 -35.32 -6.93
CA ASN D 46 18.64 -35.00 -7.18
C ASN D 46 19.52 -35.85 -6.28
N PRO D 47 19.49 -37.17 -6.46
CA PRO D 47 20.28 -38.11 -5.66
C PRO D 47 21.78 -37.90 -5.69
N LYS D 48 22.27 -37.26 -6.75
CA LYS D 48 23.70 -37.00 -6.90
C LYS D 48 24.23 -35.86 -6.04
N VAL D 49 23.34 -35.04 -5.49
CA VAL D 49 23.75 -33.91 -4.68
C VAL D 49 24.14 -34.38 -3.28
N LYS D 50 25.38 -34.13 -2.90
CA LYS D 50 25.86 -34.55 -1.59
C LYS D 50 25.56 -33.57 -0.44
N LEU D 51 25.71 -34.06 0.78
CA LEU D 51 25.42 -33.25 1.95
C LEU D 51 26.07 -31.86 1.91
N GLY D 52 25.22 -30.86 2.07
CA GLY D 52 25.69 -29.49 2.03
C GLY D 52 25.49 -28.91 0.65
N GLY D 53 24.68 -29.56 -0.16
CA GLY D 53 24.45 -29.05 -1.50
C GLY D 53 25.71 -29.03 -2.36
N ARG D 54 26.49 -30.10 -2.31
CA ARG D 54 27.72 -30.23 -3.09
C ARG D 54 27.52 -31.23 -4.23
N TYR D 55 28.02 -30.88 -5.41
CA TYR D 55 27.92 -31.74 -6.55
C TYR D 55 29.14 -31.59 -7.44
N THR D 56 29.61 -32.72 -7.94
CA THR D 56 30.77 -32.74 -8.83
C THR D 56 30.45 -33.78 -9.89
N PRO D 57 30.61 -33.42 -11.17
CA PRO D 57 30.35 -34.37 -12.26
C PRO D 57 31.28 -35.57 -12.13
N MET D 58 30.80 -36.76 -12.48
CA MET D 58 31.66 -37.92 -12.41
C MET D 58 31.98 -38.43 -13.81
N ASP D 59 31.55 -37.65 -14.80
CA ASP D 59 31.73 -37.97 -16.22
C ASP D 59 32.84 -37.20 -16.88
N CYS D 60 33.28 -36.14 -16.24
CA CYS D 60 34.31 -35.30 -16.82
C CYS D 60 34.76 -34.38 -15.70
N ILE D 61 35.86 -33.66 -15.92
CA ILE D 61 36.39 -32.74 -14.93
C ILE D 61 35.95 -31.33 -15.28
N SER D 62 35.31 -30.68 -14.31
CA SER D 62 34.85 -29.33 -14.52
C SER D 62 35.91 -28.35 -14.05
N PRO D 63 36.25 -27.36 -14.90
CA PRO D 63 37.26 -26.36 -14.54
C PRO D 63 36.59 -25.28 -13.68
N HIS D 64 35.26 -25.32 -13.61
CA HIS D 64 34.53 -24.32 -12.83
C HIS D 64 34.19 -24.86 -11.45
N LYS D 65 34.99 -24.49 -10.45
CA LYS D 65 34.75 -24.89 -9.07
C LYS D 65 33.99 -23.68 -8.51
N VAL D 66 32.68 -23.80 -8.50
CA VAL D 66 31.82 -22.69 -8.12
C VAL D 66 31.08 -22.71 -6.80
N ALA D 67 31.23 -21.62 -6.05
CA ALA D 67 30.53 -21.43 -4.78
C ALA D 67 29.34 -20.48 -5.06
N ILE D 68 28.12 -20.92 -4.80
CA ILE D 68 26.94 -20.09 -5.03
C ILE D 68 26.49 -19.56 -3.67
N ILE D 69 26.68 -18.26 -3.50
CA ILE D 69 26.41 -17.53 -2.27
C ILE D 69 25.08 -16.81 -2.33
N ILE D 70 24.20 -17.15 -1.40
CA ILE D 70 22.88 -16.58 -1.34
C ILE D 70 22.65 -15.79 -0.07
N PRO D 71 22.59 -14.46 -0.15
CA PRO D 71 22.35 -13.71 1.09
C PRO D 71 20.93 -14.06 1.55
N PHE D 72 20.71 -14.21 2.85
CA PHE D 72 19.42 -14.68 3.34
C PHE D 72 18.99 -14.25 4.74
N ARG D 73 17.68 -14.00 4.88
CA ARG D 73 17.08 -13.70 6.15
C ARG D 73 15.59 -13.97 6.04
N ASN D 74 15.15 -15.02 6.73
CA ASN D 74 13.74 -15.44 6.78
C ASN D 74 12.95 -15.55 5.46
N ARG D 75 13.52 -16.21 4.46
CA ARG D 75 12.84 -16.40 3.18
C ARG D 75 12.95 -17.87 2.79
N GLN D 76 12.58 -18.77 3.71
CA GLN D 76 12.68 -20.21 3.49
C GLN D 76 11.89 -20.68 2.30
N GLU D 77 10.68 -20.16 2.14
CA GLU D 77 9.86 -20.52 1.01
C GLU D 77 10.57 -20.18 -0.29
N HIS D 78 11.10 -18.97 -0.40
CA HIS D 78 11.84 -18.56 -1.61
C HIS D 78 12.96 -19.57 -1.89
N LEU D 79 13.76 -19.85 -0.85
CA LEU D 79 14.86 -20.81 -0.93
C LEU D 79 14.40 -22.17 -1.45
N LYS D 80 13.22 -22.60 -1.04
CA LYS D 80 12.70 -23.90 -1.49
C LYS D 80 12.53 -23.91 -3.01
N TYR D 81 11.93 -22.86 -3.55
CA TYR D 81 11.77 -22.77 -5.00
C TYR D 81 13.15 -22.68 -5.64
N TRP D 82 14.06 -21.91 -5.03
CA TRP D 82 15.39 -21.76 -5.58
C TRP D 82 16.09 -23.10 -5.76
N LEU D 83 16.10 -23.90 -4.70
CA LEU D 83 16.76 -25.20 -4.73
C LEU D 83 16.06 -26.13 -5.71
N TYR D 84 14.73 -26.09 -5.72
CA TYR D 84 13.92 -26.92 -6.60
C TYR D 84 14.30 -26.66 -8.06
N TYR D 85 14.54 -25.39 -8.41
CA TYR D 85 14.90 -25.09 -9.78
C TYR D 85 16.38 -25.11 -10.11
N LEU D 86 17.23 -24.56 -9.24
CA LEU D 86 18.66 -24.52 -9.57
C LEU D 86 19.45 -25.83 -9.54
N HIS D 87 19.20 -26.72 -8.57
CA HIS D 87 20.00 -27.94 -8.56
C HIS D 87 19.97 -28.73 -9.88
N PRO D 88 18.78 -28.93 -10.47
CA PRO D 88 18.80 -29.68 -11.74
C PRO D 88 19.57 -28.89 -12.81
N ILE D 89 19.40 -27.56 -12.81
CA ILE D 89 20.07 -26.72 -13.80
C ILE D 89 21.57 -26.75 -13.64
N LEU D 90 22.01 -26.55 -12.40
CA LEU D 90 23.43 -26.51 -12.09
C LEU D 90 24.12 -27.82 -12.48
N GLN D 91 23.43 -28.95 -12.28
CA GLN D 91 24.01 -30.24 -12.65
C GLN D 91 24.12 -30.38 -14.15
N ARG D 92 23.09 -29.93 -14.89
CA ARG D 92 23.11 -30.01 -16.34
C ARG D 92 24.25 -29.14 -16.84
N GLN D 93 24.60 -28.11 -16.08
CA GLN D 93 25.67 -27.20 -16.50
C GLN D 93 27.06 -27.73 -16.22
N GLN D 94 27.15 -28.94 -15.68
CA GLN D 94 28.43 -29.59 -15.45
C GLN D 94 29.41 -28.81 -14.59
N LEU D 95 28.87 -28.23 -13.52
CA LEU D 95 29.61 -27.44 -12.56
C LEU D 95 29.99 -28.28 -11.34
N ASP D 96 31.13 -27.95 -10.75
CA ASP D 96 31.59 -28.63 -9.53
C ASP D 96 31.24 -27.54 -8.51
N TYR D 97 30.05 -27.65 -7.93
CA TYR D 97 29.57 -26.61 -7.04
C TYR D 97 29.09 -26.95 -5.62
N GLY D 98 28.84 -25.87 -4.86
CA GLY D 98 28.35 -25.93 -3.50
C GLY D 98 27.43 -24.73 -3.25
N ILE D 99 26.35 -24.94 -2.49
CA ILE D 99 25.36 -23.89 -2.20
C ILE D 99 25.53 -23.36 -0.79
N TYR D 100 25.63 -22.03 -0.68
CA TYR D 100 25.82 -21.41 0.62
C TYR D 100 24.78 -20.34 0.86
N VAL D 101 23.99 -20.53 1.90
CA VAL D 101 22.97 -19.59 2.29
C VAL D 101 23.54 -18.84 3.50
N ILE D 102 23.79 -17.55 3.33
CA ILE D 102 24.38 -16.76 4.41
C ILE D 102 23.25 -16.02 5.11
N ASN D 103 22.86 -16.57 6.26
CA ASN D 103 21.76 -16.08 7.10
C ASN D 103 22.14 -14.96 8.08
N GLN D 104 21.56 -13.79 7.90
CA GLN D 104 21.86 -12.67 8.78
C GLN D 104 21.10 -12.75 10.10
N ALA D 105 21.78 -13.10 11.19
CA ALA D 105 21.06 -13.15 12.47
C ALA D 105 20.74 -11.72 12.88
N GLY D 106 19.82 -11.55 13.83
CA GLY D 106 19.53 -10.20 14.29
C GLY D 106 18.40 -9.43 13.62
N GLU D 107 18.23 -8.17 14.05
CA GLU D 107 17.17 -7.28 13.55
C GLU D 107 17.68 -6.01 12.88
N SER D 108 18.97 -5.93 12.60
CA SER D 108 19.46 -4.73 11.92
C SER D 108 19.01 -4.77 10.46
N MET D 109 19.23 -3.68 9.71
CA MET D 109 18.84 -3.66 8.31
C MET D 109 19.65 -4.69 7.57
N PHE D 110 19.04 -5.28 6.55
CA PHE D 110 19.70 -6.29 5.74
C PHE D 110 20.93 -5.70 5.08
N ASN D 111 22.01 -6.46 5.07
CA ASN D 111 23.24 -5.98 4.46
C ASN D 111 23.72 -7.03 3.47
N ARG D 112 23.11 -7.00 2.28
CA ARG D 112 23.40 -7.96 1.20
C ARG D 112 24.88 -8.15 0.88
N ALA D 113 25.58 -7.05 0.62
CA ALA D 113 26.97 -7.14 0.23
C ALA D 113 27.89 -7.73 1.31
N LYS D 114 27.59 -7.41 2.57
CA LYS D 114 28.41 -7.94 3.64
C LYS D 114 28.20 -9.46 3.71
N LEU D 115 26.97 -9.91 3.54
CA LEU D 115 26.70 -11.34 3.59
C LEU D 115 27.42 -12.04 2.44
N LEU D 116 27.47 -11.39 1.28
CA LEU D 116 28.15 -11.98 0.14
C LEU D 116 29.65 -12.11 0.47
N ASN D 117 30.21 -11.12 1.16
CA ASN D 117 31.63 -11.20 1.53
C ASN D 117 31.83 -12.39 2.48
N VAL D 118 30.95 -12.50 3.48
CA VAL D 118 31.01 -13.58 4.46
C VAL D 118 30.98 -14.93 3.74
N GLY D 119 30.09 -15.07 2.76
CA GLY D 119 29.98 -16.31 2.00
C GLY D 119 31.23 -16.66 1.23
N PHE D 120 31.90 -15.64 0.68
CA PHE D 120 33.13 -15.86 -0.07
C PHE D 120 34.15 -16.45 0.91
N LYS D 121 34.31 -15.81 2.06
CA LYS D 121 35.26 -16.30 3.04
C LYS D 121 34.93 -17.71 3.54
N GLU D 122 33.69 -17.92 3.97
CA GLU D 122 33.26 -19.22 4.49
C GLU D 122 33.33 -20.37 3.49
N ALA D 123 32.95 -20.07 2.24
CA ALA D 123 32.95 -21.07 1.18
C ALA D 123 34.36 -21.62 1.04
N LEU D 124 35.33 -20.73 1.00
CA LEU D 124 36.71 -21.10 0.85
C LEU D 124 37.28 -22.01 1.94
N LYS D 125 36.63 -22.07 3.09
CA LYS D 125 37.12 -22.95 4.15
C LYS D 125 36.69 -24.38 3.83
N ASP D 126 35.81 -24.51 2.83
CA ASP D 126 35.26 -25.79 2.44
C ASP D 126 35.96 -26.49 1.29
N TYR D 127 36.37 -25.74 0.28
CA TYR D 127 36.91 -26.32 -0.92
C TYR D 127 37.64 -25.21 -1.65
N ASP D 128 38.49 -25.57 -2.61
CA ASP D 128 39.24 -24.58 -3.35
C ASP D 128 38.44 -24.02 -4.52
N TYR D 129 37.32 -23.38 -4.22
CA TYR D 129 36.49 -22.78 -5.27
C TYR D 129 37.30 -21.71 -6.01
N ASN D 130 37.09 -21.56 -7.31
CA ASN D 130 37.81 -20.54 -8.06
C ASN D 130 36.82 -19.55 -8.69
N CYS D 131 35.54 -19.82 -8.49
CA CYS D 131 34.49 -19.00 -9.03
C CYS D 131 33.38 -18.78 -8.00
N PHE D 132 32.85 -17.56 -7.97
CA PHE D 132 31.79 -17.26 -7.02
C PHE D 132 30.58 -16.64 -7.69
N VAL D 133 29.43 -17.25 -7.47
CA VAL D 133 28.22 -16.73 -8.02
C VAL D 133 27.47 -16.16 -6.83
N PHE D 134 27.12 -14.88 -6.95
CA PHE D 134 26.38 -14.19 -5.90
C PHE D 134 24.94 -14.11 -6.41
N SER D 135 24.03 -14.73 -5.68
CA SER D 135 22.65 -14.75 -6.13
C SER D 135 21.57 -14.46 -5.10
N ASP D 136 20.64 -13.56 -5.44
CA ASP D 136 19.55 -13.32 -4.53
C ASP D 136 18.73 -14.61 -4.54
N VAL D 137 18.05 -14.89 -3.45
CA VAL D 137 17.31 -16.14 -3.32
C VAL D 137 16.02 -16.15 -4.12
N ASP D 138 15.62 -15.02 -4.67
CA ASP D 138 14.36 -14.94 -5.40
C ASP D 138 14.48 -14.80 -6.90
N LEU D 139 15.65 -15.09 -7.43
CA LEU D 139 15.86 -15.01 -8.85
C LEU D 139 16.19 -16.38 -9.40
N ILE D 140 15.39 -16.81 -10.38
CA ILE D 140 15.55 -18.13 -11.01
C ILE D 140 15.79 -17.91 -12.49
N PRO D 141 16.80 -18.57 -13.08
CA PRO D 141 17.02 -18.37 -14.51
C PRO D 141 16.02 -19.17 -15.30
N MET D 142 15.62 -18.63 -16.46
CA MET D 142 14.65 -19.28 -17.33
C MET D 142 15.29 -20.05 -18.47
N ASN D 143 16.61 -19.98 -18.59
CA ASN D 143 17.27 -20.72 -19.67
C ASN D 143 18.57 -21.32 -19.14
N ASP D 144 18.70 -22.64 -19.18
CA ASP D 144 19.90 -23.23 -18.64
C ASP D 144 21.16 -22.97 -19.45
N HIS D 145 21.05 -22.19 -20.53
CA HIS D 145 22.24 -21.83 -21.32
C HIS D 145 22.93 -20.63 -20.62
N ASN D 146 22.22 -20.00 -19.68
CA ASN D 146 22.77 -18.86 -18.93
C ASN D 146 23.61 -19.56 -17.84
N THR D 147 24.88 -19.80 -18.15
CA THR D 147 25.74 -20.54 -17.25
C THR D 147 26.15 -19.89 -15.94
N TYR D 148 25.94 -20.62 -14.85
CA TYR D 148 26.30 -20.12 -13.53
C TYR D 148 27.77 -20.30 -13.21
N ARG D 149 28.61 -19.57 -13.94
CA ARG D 149 30.03 -19.65 -13.73
C ARG D 149 30.75 -18.39 -14.19
N CYS D 150 32.06 -18.39 -13.98
CA CYS D 150 32.91 -17.25 -14.28
C CYS D 150 33.46 -17.13 -15.70
N PHE D 151 33.75 -15.90 -16.09
CA PHE D 151 34.24 -15.60 -17.41
C PHE D 151 35.48 -14.70 -17.34
N SER D 152 36.07 -14.40 -18.50
CA SER D 152 37.28 -13.57 -18.53
C SER D 152 37.03 -12.19 -17.90
N GLN D 153 35.78 -11.75 -17.90
CA GLN D 153 35.38 -10.49 -17.25
C GLN D 153 34.23 -10.80 -16.29
N PRO D 154 34.04 -9.97 -15.25
CA PRO D 154 32.96 -10.15 -14.27
C PRO D 154 31.66 -10.43 -15.02
N ARG D 155 30.90 -11.40 -14.54
CA ARG D 155 29.69 -11.81 -15.23
C ARG D 155 28.36 -11.38 -14.60
N HIS D 156 27.49 -10.71 -15.37
CA HIS D 156 26.21 -10.33 -14.84
C HIS D 156 25.24 -11.33 -15.42
N ILE D 157 24.60 -12.11 -14.55
CA ILE D 157 23.69 -13.16 -14.98
C ILE D 157 22.19 -12.85 -15.17
N SER D 158 21.59 -12.14 -14.22
CA SER D 158 20.15 -11.83 -14.28
C SER D 158 19.92 -10.58 -15.09
N VAL D 159 20.19 -10.72 -16.38
CA VAL D 159 20.13 -9.68 -17.37
C VAL D 159 18.74 -9.23 -17.84
N ALA D 160 17.80 -10.17 -17.98
CA ALA D 160 16.45 -9.84 -18.45
C ALA D 160 15.39 -10.38 -17.48
N MET D 161 15.28 -9.74 -16.34
CA MET D 161 14.35 -10.18 -15.33
C MET D 161 12.93 -9.83 -15.72
N ASP D 162 11.99 -10.74 -15.46
CA ASP D 162 10.60 -10.47 -15.79
C ASP D 162 10.13 -9.16 -15.18
N LYS D 163 10.63 -8.87 -13.99
CA LYS D 163 10.32 -7.66 -13.27
C LYS D 163 10.66 -6.41 -14.09
N PHE D 164 11.62 -6.55 -14.99
CA PHE D 164 12.05 -5.44 -15.82
C PHE D 164 11.63 -5.63 -17.29
N GLY D 165 10.55 -6.35 -17.49
CA GLY D 165 10.10 -6.57 -18.84
C GLY D 165 11.10 -7.37 -19.68
N PHE D 166 11.80 -8.31 -19.05
CA PHE D 166 12.79 -9.14 -19.76
C PHE D 166 13.83 -8.35 -20.54
N SER D 167 14.25 -7.26 -19.93
CA SER D 167 15.24 -6.38 -20.51
C SER D 167 16.13 -5.90 -19.36
N LEU D 168 17.31 -5.41 -19.69
CA LEU D 168 18.21 -4.89 -18.67
C LEU D 168 17.58 -3.57 -18.18
N PRO D 169 17.47 -3.36 -16.86
CA PRO D 169 16.87 -2.08 -16.50
C PRO D 169 17.73 -0.87 -16.89
N TYR D 170 19.05 -1.02 -16.84
CA TYR D 170 20.01 0.03 -17.23
C TYR D 170 21.36 -0.71 -17.40
N VAL D 171 22.22 -0.26 -18.31
CA VAL D 171 23.48 -0.99 -18.55
C VAL D 171 24.48 -1.02 -17.41
N GLN D 172 24.32 -0.14 -16.42
CA GLN D 172 25.24 -0.11 -15.30
C GLN D 172 24.73 -1.06 -14.21
N TYR D 173 23.78 -1.91 -14.55
CA TYR D 173 23.20 -2.82 -13.54
C TYR D 173 24.00 -4.09 -13.28
N PHE D 174 24.37 -4.32 -12.03
CA PHE D 174 25.12 -5.51 -11.68
C PHE D 174 24.45 -6.24 -10.51
N GLY D 175 23.15 -6.03 -10.35
CA GLY D 175 22.44 -6.67 -9.26
C GLY D 175 21.78 -7.97 -9.64
N GLY D 176 21.16 -8.62 -8.64
CA GLY D 176 20.44 -9.85 -8.88
C GLY D 176 21.28 -11.10 -8.77
N VAL D 177 21.90 -11.48 -9.89
CA VAL D 177 22.76 -12.66 -9.94
C VAL D 177 23.99 -12.24 -10.73
N SER D 178 25.17 -12.44 -10.16
CA SER D 178 26.40 -12.09 -10.87
C SER D 178 27.47 -13.09 -10.49
N ALA D 179 28.56 -13.15 -11.25
CA ALA D 179 29.62 -14.06 -10.87
C ALA D 179 30.99 -13.41 -11.02
N LEU D 180 31.89 -13.75 -10.12
CA LEU D 180 33.27 -13.25 -10.17
C LEU D 180 34.23 -14.36 -9.84
N SER D 181 35.35 -14.38 -10.55
CA SER D 181 36.39 -15.37 -10.25
C SER D 181 37.04 -14.91 -8.96
N LYS D 182 37.71 -15.83 -8.28
CA LYS D 182 38.41 -15.49 -7.06
C LYS D 182 39.33 -14.29 -7.33
N GLN D 183 40.05 -14.32 -8.45
CA GLN D 183 40.95 -13.21 -8.74
C GLN D 183 40.21 -11.88 -8.99
N GLN D 184 39.13 -11.92 -9.77
CA GLN D 184 38.36 -10.72 -10.04
C GLN D 184 37.86 -10.14 -8.71
N PHE D 185 37.31 -11.01 -7.87
CA PHE D 185 36.78 -10.61 -6.57
C PHE D 185 37.83 -9.93 -5.67
N LEU D 186 38.99 -10.56 -5.57
CA LEU D 186 40.07 -10.05 -4.74
C LEU D 186 40.58 -8.73 -5.29
N SER D 187 40.59 -8.59 -6.61
CA SER D 187 41.12 -7.36 -7.20
C SER D 187 40.32 -6.08 -6.90
N ILE D 188 39.12 -6.23 -6.33
CA ILE D 188 38.33 -5.05 -5.99
C ILE D 188 38.14 -4.96 -4.48
N ASN D 189 38.97 -5.72 -3.75
CA ASN D 189 38.89 -5.75 -2.29
C ASN D 189 37.50 -6.24 -1.90
N GLY D 190 36.98 -7.17 -2.70
CA GLY D 190 35.66 -7.73 -2.44
C GLY D 190 34.55 -6.69 -2.55
N PHE D 191 33.46 -6.90 -1.81
CA PHE D 191 32.33 -6.00 -1.84
C PHE D 191 32.30 -5.10 -0.60
N PRO D 192 31.54 -3.97 -0.64
CA PRO D 192 31.45 -3.08 0.52
C PRO D 192 30.74 -3.72 1.69
N ASN D 193 31.07 -3.30 2.91
CA ASN D 193 30.39 -3.81 4.12
C ASN D 193 29.56 -2.68 4.74
N ASN D 194 29.74 -1.47 4.22
CA ASN D 194 29.06 -0.31 4.77
C ASN D 194 27.69 0.05 4.18
N TYR D 195 27.11 -0.84 3.40
CA TYR D 195 25.76 -0.59 2.84
C TYR D 195 24.73 -1.37 3.63
N TRP D 196 23.89 -0.65 4.38
CA TRP D 196 22.86 -1.28 5.20
C TRP D 196 21.49 -0.84 4.66
N GLY D 197 20.55 -1.77 4.57
CA GLY D 197 19.25 -1.42 4.03
C GLY D 197 19.33 -1.60 2.52
N TRP D 198 18.18 -1.58 1.87
CA TRP D 198 18.10 -1.81 0.42
C TRP D 198 18.67 -0.76 -0.54
N GLY D 199 19.26 -1.25 -1.63
CA GLY D 199 19.76 -0.40 -2.68
C GLY D 199 21.19 0.11 -2.70
N GLY D 200 21.71 0.23 -3.92
CA GLY D 200 23.04 0.77 -4.10
C GLY D 200 24.27 -0.08 -3.97
N GLU D 201 24.27 -1.13 -3.16
CA GLU D 201 25.51 -1.91 -3.04
C GLU D 201 25.96 -2.55 -4.34
N ASP D 202 25.00 -2.96 -5.18
CA ASP D 202 25.37 -3.56 -6.46
C ASP D 202 25.89 -2.49 -7.41
N ASP D 203 25.49 -1.24 -7.20
CA ASP D 203 25.98 -0.18 -8.04
C ASP D 203 27.41 0.16 -7.63
N ASP D 204 27.67 0.11 -6.33
CA ASP D 204 29.00 0.36 -5.78
C ASP D 204 29.93 -0.71 -6.36
N ILE D 205 29.44 -1.95 -6.35
CA ILE D 205 30.23 -3.05 -6.89
C ILE D 205 30.53 -2.78 -8.36
N TYR D 206 29.53 -2.34 -9.11
CA TYR D 206 29.72 -2.02 -10.54
C TYR D 206 30.86 -1.00 -10.70
N ASN D 207 30.85 0.01 -9.84
CA ASN D 207 31.88 1.06 -9.88
C ASN D 207 33.25 0.48 -9.59
N ARG D 208 33.32 -0.40 -8.60
CA ARG D 208 34.60 -1.01 -8.25
C ARG D 208 35.22 -1.71 -9.46
N LEU D 209 34.40 -2.45 -10.21
CA LEU D 209 34.90 -3.17 -11.38
C LEU D 209 35.48 -2.20 -12.40
N ALA D 210 34.77 -1.10 -12.64
CA ALA D 210 35.26 -0.09 -13.59
C ALA D 210 36.58 0.51 -13.09
N PHE D 211 36.65 0.77 -11.80
CA PHE D 211 37.85 1.36 -11.19
C PHE D 211 39.05 0.40 -11.19
N ARG D 212 38.80 -0.89 -11.39
CA ARG D 212 39.90 -1.87 -11.46
C ARG D 212 40.02 -2.37 -12.90
N GLY D 213 39.66 -1.52 -13.85
CA GLY D 213 39.75 -1.82 -15.27
C GLY D 213 39.02 -3.01 -15.85
N MET D 214 37.94 -3.45 -15.21
CA MET D 214 37.17 -4.59 -15.72
C MET D 214 35.86 -4.12 -16.34
N SER D 215 35.32 -4.91 -17.26
CA SER D 215 34.06 -4.57 -17.90
C SER D 215 33.05 -5.62 -17.43
N VAL D 216 31.82 -5.54 -17.92
CA VAL D 216 30.78 -6.50 -17.53
C VAL D 216 30.45 -7.41 -18.69
N SER D 217 30.52 -8.71 -18.45
CA SER D 217 30.19 -9.71 -19.49
C SER D 217 28.75 -10.15 -19.21
N ARG D 218 27.97 -10.39 -20.26
CA ARG D 218 26.57 -10.82 -20.10
C ARG D 218 26.12 -11.77 -21.20
N PRO D 219 25.19 -12.67 -20.89
CA PRO D 219 24.66 -13.61 -21.88
C PRO D 219 23.66 -12.74 -22.67
N ASN D 220 23.22 -13.14 -23.86
CA ASN D 220 22.25 -12.29 -24.56
C ASN D 220 20.92 -12.33 -23.82
N ALA D 221 20.15 -11.27 -24.00
CA ALA D 221 18.87 -11.07 -23.35
C ALA D 221 17.90 -12.24 -23.54
N VAL D 222 18.04 -12.97 -24.63
CA VAL D 222 17.16 -14.11 -24.83
C VAL D 222 17.50 -15.24 -23.86
N ILE D 223 18.77 -15.62 -23.75
CA ILE D 223 19.05 -16.71 -22.82
C ILE D 223 19.20 -16.18 -21.39
N GLY D 224 19.30 -14.86 -21.24
CA GLY D 224 19.43 -14.28 -19.92
C GLY D 224 18.11 -14.00 -19.18
N LYS D 225 16.98 -14.47 -19.72
CA LYS D 225 15.71 -14.24 -19.02
C LYS D 225 15.65 -14.91 -17.63
N CYS D 226 15.11 -14.21 -16.63
CA CYS D 226 15.00 -14.75 -15.29
C CYS D 226 13.66 -14.35 -14.68
N ARG D 227 13.24 -15.05 -13.65
CA ARG D 227 11.99 -14.73 -12.98
C ARG D 227 12.29 -14.36 -11.54
N MET D 228 11.63 -13.34 -11.02
CA MET D 228 11.82 -12.97 -9.63
C MET D 228 10.57 -13.41 -8.88
N ILE D 229 10.74 -14.11 -7.76
CA ILE D 229 9.57 -14.51 -6.96
C ILE D 229 9.10 -13.20 -6.33
N ARG D 230 7.86 -12.81 -6.57
CA ARG D 230 7.35 -11.55 -6.02
C ARG D 230 7.11 -11.64 -4.52
N HIS D 231 7.51 -10.59 -3.82
CA HIS D 231 7.38 -10.56 -2.36
C HIS D 231 7.24 -9.15 -1.82
N SER D 232 6.57 -9.00 -0.68
CA SER D 232 6.40 -7.68 -0.10
C SER D 232 7.77 -7.18 0.38
N ARG D 233 7.94 -5.86 0.42
CA ARG D 233 9.21 -5.32 0.87
C ARG D 233 9.36 -5.76 2.32
N ASP D 234 10.55 -6.17 2.72
CA ASP D 234 10.77 -6.59 4.11
C ASP D 234 11.13 -5.41 5.01
N LYS D 235 10.59 -5.42 6.22
CA LYS D 235 10.70 -4.36 7.23
C LYS D 235 12.12 -4.03 7.66
N LYS D 236 12.98 -5.05 7.53
CA LYS D 236 14.38 -4.93 7.90
C LYS D 236 15.28 -4.59 6.75
N ASN D 237 14.65 -4.22 5.64
CA ASN D 237 15.39 -3.85 4.47
C ASN D 237 14.78 -2.69 3.71
N GLU D 238 14.51 -1.61 4.44
CA GLU D 238 13.96 -0.39 3.87
C GLU D 238 15.11 0.28 3.09
N PRO D 239 14.78 0.97 2.00
CA PRO D 239 15.77 1.67 1.18
C PRO D 239 16.76 2.50 2.02
N ASN D 240 18.03 2.37 1.68
CA ASN D 240 19.11 3.07 2.36
C ASN D 240 19.18 4.51 1.86
N PRO D 241 18.82 5.47 2.71
CA PRO D 241 18.80 6.92 2.47
C PRO D 241 20.14 7.44 1.93
N GLN D 242 21.23 6.88 2.44
CA GLN D 242 22.58 7.26 2.08
C GLN D 242 23.12 6.56 0.82
N ARG D 243 22.35 5.67 0.21
CA ARG D 243 22.93 4.95 -0.92
C ARG D 243 23.53 5.80 -2.04
N PHE D 244 22.85 6.89 -2.40
CA PHE D 244 23.35 7.72 -3.49
C PHE D 244 24.63 8.46 -3.16
N ASP D 245 24.78 8.86 -1.90
CA ASP D 245 26.01 9.52 -1.49
C ASP D 245 27.16 8.50 -1.55
N ARG D 246 26.91 7.30 -1.04
CA ARG D 246 27.94 6.28 -1.02
C ARG D 246 28.41 5.86 -2.41
N ILE D 247 27.49 5.75 -3.34
CA ILE D 247 27.81 5.35 -4.68
C ILE D 247 28.74 6.37 -5.34
N ALA D 248 28.57 7.63 -4.98
CA ALA D 248 29.38 8.67 -5.58
C ALA D 248 30.85 8.65 -5.15
N HIS D 249 31.17 7.91 -4.08
CA HIS D 249 32.54 7.85 -3.56
C HIS D 249 33.23 6.49 -3.56
N THR D 250 32.78 5.59 -4.41
CA THR D 250 33.35 4.25 -4.45
C THR D 250 34.86 4.16 -4.69
N LYS D 251 35.38 4.97 -5.61
CA LYS D 251 36.82 4.91 -5.87
C LYS D 251 37.62 4.98 -4.57
N GLU D 252 37.25 5.92 -3.71
CA GLU D 252 37.95 6.11 -2.46
C GLU D 252 37.63 5.07 -1.38
N THR D 253 36.36 4.86 -1.10
CA THR D 253 35.97 3.91 -0.05
C THR D 253 36.25 2.42 -0.35
N MET D 254 36.36 2.04 -1.63
CA MET D 254 36.65 0.65 -1.94
C MET D 254 38.03 0.25 -1.36
N LEU D 255 38.92 1.22 -1.20
CA LEU D 255 40.25 0.96 -0.64
C LEU D 255 40.17 0.54 0.83
N SER D 256 39.21 1.12 1.55
CA SER D 256 39.07 0.87 2.97
C SER D 256 37.83 0.10 3.44
N ASP D 257 36.91 -0.17 2.53
CA ASP D 257 35.73 -0.93 2.94
C ASP D 257 35.60 -2.15 2.04
N GLY D 258 35.81 -3.33 2.61
CA GLY D 258 35.71 -4.54 1.81
C GLY D 258 36.29 -5.73 2.52
N LEU D 259 36.86 -6.65 1.76
CA LEU D 259 37.47 -7.84 2.34
C LEU D 259 38.45 -7.45 3.45
N ASN D 260 39.30 -6.47 3.19
CA ASN D 260 40.29 -6.09 4.20
C ASN D 260 39.70 -5.54 5.49
N SER D 261 38.42 -5.16 5.49
CA SER D 261 37.84 -4.64 6.71
C SER D 261 36.70 -5.50 7.21
N LEU D 262 36.56 -6.69 6.67
CA LEU D 262 35.47 -7.57 7.05
C LEU D 262 35.59 -8.21 8.44
N THR D 263 34.51 -8.14 9.20
CA THR D 263 34.49 -8.79 10.50
C THR D 263 33.09 -9.33 10.77
N TYR D 264 33.02 -10.47 11.43
CA TYR D 264 31.75 -11.08 11.70
C TYR D 264 31.95 -12.32 12.57
N MET D 265 30.89 -12.80 13.16
CA MET D 265 31.04 -14.00 13.98
C MET D 265 30.05 -15.05 13.55
N VAL D 266 30.55 -16.26 13.34
CA VAL D 266 29.67 -17.35 12.93
C VAL D 266 28.98 -17.91 14.18
N LEU D 267 27.65 -17.88 14.19
CA LEU D 267 26.91 -18.38 15.33
C LEU D 267 26.43 -19.80 15.15
N GLU D 268 26.33 -20.26 13.91
CA GLU D 268 25.86 -21.61 13.65
C GLU D 268 26.08 -21.97 12.21
N VAL D 269 26.43 -23.24 12.00
CA VAL D 269 26.65 -23.79 10.66
C VAL D 269 25.77 -25.03 10.52
N GLN D 270 24.92 -25.02 9.52
CA GLN D 270 24.03 -26.12 9.29
C GLN D 270 24.26 -26.75 7.90
N ARG D 271 24.55 -28.04 7.90
CA ARG D 271 24.75 -28.77 6.66
C ARG D 271 23.46 -29.52 6.40
N TYR D 272 22.74 -29.14 5.35
CA TYR D 272 21.52 -29.82 4.97
C TYR D 272 21.84 -30.64 3.73
N PRO D 273 20.92 -31.52 3.34
CA PRO D 273 21.32 -32.27 2.15
C PRO D 273 21.48 -31.42 0.89
N LEU D 274 20.62 -30.43 0.71
CA LEU D 274 20.68 -29.59 -0.49
C LEU D 274 21.47 -28.28 -0.41
N TYR D 275 21.82 -27.85 0.82
CA TYR D 275 22.57 -26.63 1.00
C TYR D 275 23.27 -26.53 2.35
N THR D 276 24.17 -25.56 2.45
CA THR D 276 24.86 -25.25 3.68
C THR D 276 24.32 -23.90 4.14
N LYS D 277 23.83 -23.80 5.38
CA LYS D 277 23.31 -22.53 5.89
C LYS D 277 24.17 -22.05 7.06
N ILE D 278 24.85 -20.93 6.86
CA ILE D 278 25.74 -20.34 7.85
C ILE D 278 25.14 -19.08 8.47
N THR D 279 24.75 -19.14 9.75
CA THR D 279 24.16 -17.98 10.42
C THR D 279 25.25 -17.12 11.05
N VAL D 280 25.26 -15.83 10.70
CA VAL D 280 26.28 -14.91 11.21
C VAL D 280 25.75 -13.60 11.81
N ASP D 281 26.54 -13.08 12.73
CA ASP D 281 26.26 -11.83 13.43
C ASP D 281 27.24 -10.92 12.74
N ILE D 282 26.74 -10.04 11.87
CA ILE D 282 27.62 -9.13 11.14
C ILE D 282 27.64 -7.74 11.72
N GLY D 283 27.17 -7.60 12.95
CA GLY D 283 27.18 -6.29 13.60
C GLY D 283 26.09 -5.32 13.22
N THR D 284 26.24 -4.08 13.66
CA THR D 284 25.24 -3.07 13.38
C THR D 284 25.80 -1.92 12.53
N PRO D 285 24.93 -1.07 11.97
CA PRO D 285 25.34 0.06 11.13
C PRO D 285 26.24 1.08 11.83
N SER D 286 27.15 1.63 11.03
CA SER D 286 28.14 2.62 11.42
C SER D 286 29.16 2.71 10.29
CA CA E . -27.98 17.09 -18.88
O1 PG4 F . -20.55 10.34 -1.70
C1 PG4 F . -21.75 10.63 -1.02
C2 PG4 F . -22.20 12.08 -1.26
O2 PG4 F . -23.51 12.08 -1.85
C3 PG4 F . -24.30 13.16 -1.44
C4 PG4 F . -25.76 12.78 -1.55
O3 PG4 F . -25.99 12.10 -2.76
C5 PG4 F . -27.35 11.86 -3.01
C6 PG4 F . -27.48 10.99 -4.27
O4 PG4 F . -27.30 9.64 -3.91
C2 BGC G . -21.67 12.63 3.64
C3 BGC G . -21.08 11.66 4.62
C4 BGC G . -20.64 10.41 3.82
C5 BGC G . -19.55 10.79 2.80
C6 BGC G . -19.16 9.80 1.71
C1 BGC G . -20.67 12.94 2.50
O1 BGC G . -21.12 13.96 1.59
O2 BGC G . -22.12 13.79 4.34
O3 BGC G . -22.08 11.17 5.52
O4 BGC G . -20.07 9.46 4.68
O5 BGC G . -20.16 11.77 1.84
O6 BGC G . -20.15 8.95 1.20
O1 PG4 H . 1.46 5.61 23.00
C1 PG4 H . 0.17 5.63 23.53
C2 PG4 H . -0.86 5.47 22.41
O2 PG4 H . -1.71 4.37 22.69
C3 PG4 H . -3.05 4.60 22.28
C4 PG4 H . -3.98 3.87 23.24
O3 PG4 H . -3.50 2.55 23.43
C5 PG4 H . -4.10 1.91 24.55
C6 PG4 H . -3.00 1.45 25.52
O4 PG4 H . -3.31 1.99 26.81
CA CA I . -1.47 11.16 -7.84
C1 EDO J . 21.35 21.60 0.27
O1 EDO J . 22.47 22.47 0.26
C2 EDO J . 20.30 22.04 1.29
O2 EDO J . 19.37 21.00 1.55
C2 BGC K . 19.37 0.15 -7.01
C3 BGC K . 20.06 -1.22 -7.09
C4 BGC K . 18.98 -2.26 -7.53
C5 BGC K . 18.47 -1.92 -8.94
C6 BGC K . 17.31 -2.70 -9.51
C1 BGC K . 18.55 0.45 -8.27
O1 BGC K . 18.13 1.78 -8.49
O2 BGC K . 20.25 1.20 -6.59
O3 BGC K . 20.41 -1.68 -5.77
O4 BGC K . 19.55 -3.51 -7.67
O5 BGC K . 17.74 -0.62 -8.82
O6 BGC K . 16.29 -2.99 -8.61
#